data_2ZF9
#
_entry.id   2ZF9
#
_cell.length_a   155.56
_cell.length_b   69.25
_cell.length_c   93.03
_cell.angle_alpha   90.00
_cell.angle_beta   123.37
_cell.angle_gamma   90.00
#
_symmetry.space_group_name_H-M   'C 1 2 1'
#
loop_
_entity.id
_entity.type
_entity.pdbx_description
1 polymer 'ScaE cell-surface anchored scaffoldin protein'
2 non-polymer GLYCEROL
3 non-polymer 'CHLORIDE ION'
4 water water
#
_entity_poly.entity_id   1
_entity_poly.type   'polypeptide(L)'
_entity_poly.pdbx_seq_one_letter_code
;(MSE)THHHHHHA(MSE)GPAAGQAYDAGNLDVASSPVKPTLSITKKTLTAAEAPNAKVT(MSE)ELSVEGAADKYAATG
LHIQFDPKLKLIPDEDGALATAGRAARLLELKKAEADTDNSFFTATGSSTNNGKDGVLWSFVLQVPADAQPGDKYDVQVA
YQSRTTNEDLFTNVKKDEEGLL(MSE)QAWTFTQGIEQGYIQVESTTSLE
;
_entity_poly.pdbx_strand_id   A,B,C,D
#
# COMPACT_ATOMS: atom_id res chain seq x y z
N ALA A 9 6.91 -7.23 -11.05
CA ALA A 9 7.13 -6.53 -12.37
C ALA A 9 6.09 -7.03 -13.40
N GLY A 11 4.41 -7.90 -16.87
CA GLY A 11 4.85 -8.22 -18.23
C GLY A 11 4.04 -9.31 -18.87
N PRO A 12 4.04 -9.36 -20.21
CA PRO A 12 3.35 -10.40 -20.97
C PRO A 12 4.15 -11.68 -21.15
N ALA A 13 3.45 -12.74 -21.54
CA ALA A 13 4.07 -13.94 -22.05
C ALA A 13 4.90 -13.63 -23.29
N ALA A 14 5.86 -14.52 -23.60
CA ALA A 14 6.61 -14.47 -24.86
C ALA A 14 5.74 -15.00 -26.00
N GLY A 15 6.18 -14.85 -27.25
CA GLY A 15 5.41 -15.41 -28.38
C GLY A 15 4.48 -14.38 -28.96
N GLN A 16 3.19 -14.71 -29.07
CA GLN A 16 2.20 -13.86 -29.71
C GLN A 16 1.37 -13.09 -28.66
N ALA A 17 0.90 -11.89 -29.02
CA ALA A 17 0.17 -11.09 -28.06
C ALA A 17 -1.15 -11.74 -27.74
N TYR A 18 -1.51 -11.76 -26.46
CA TYR A 18 -2.81 -12.26 -26.06
C TYR A 18 -3.89 -11.24 -26.43
N ASP A 19 -4.99 -11.73 -26.99
CA ASP A 19 -6.12 -10.87 -27.33
C ASP A 19 -7.12 -10.77 -26.21
N ALA A 20 -7.09 -9.67 -25.48
CA ALA A 20 -8.01 -9.41 -24.39
C ALA A 20 -9.33 -8.77 -24.84
N GLY A 21 -9.48 -8.52 -26.14
CA GLY A 21 -10.78 -8.11 -26.68
C GLY A 21 -11.16 -6.81 -26.02
N ASN A 22 -12.39 -6.74 -25.51
CA ASN A 22 -12.87 -5.52 -24.83
C ASN A 22 -12.88 -5.58 -23.32
N LEU A 23 -12.16 -6.55 -22.74
CA LEU A 23 -12.13 -6.71 -21.32
C LEU A 23 -11.31 -5.60 -20.69
N ASP A 24 -11.74 -5.16 -19.53
CA ASP A 24 -10.98 -4.17 -18.77
C ASP A 24 -10.03 -5.00 -17.92
N VAL A 25 -8.87 -5.29 -18.47
CA VAL A 25 -8.00 -6.32 -17.86
C VAL A 25 -7.52 -5.89 -16.49
N ALA A 26 -7.23 -4.61 -16.33
CA ALA A 26 -6.67 -4.13 -15.06
C ALA A 26 -7.70 -4.17 -13.91
N SER A 27 -8.99 -4.34 -14.24
CA SER A 27 -10.05 -4.53 -13.24
C SER A 27 -10.15 -6.00 -12.77
N SER A 28 -9.32 -6.89 -13.31
CA SER A 28 -9.45 -8.31 -12.94
C SER A 28 -9.44 -8.51 -11.44
N PRO A 29 -10.49 -9.09 -10.85
CA PRO A 29 -10.43 -9.33 -9.40
C PRO A 29 -9.26 -10.26 -9.02
N VAL A 30 -8.97 -11.26 -9.86
CA VAL A 30 -7.87 -12.20 -9.58
C VAL A 30 -6.73 -11.87 -10.56
N LYS A 31 -5.55 -11.62 -10.01
CA LYS A 31 -4.39 -11.22 -10.84
C LYS A 31 -3.24 -12.16 -10.55
N PRO A 32 -3.23 -13.33 -11.22
CA PRO A 32 -2.12 -14.27 -11.02
C PRO A 32 -0.76 -13.79 -11.50
N THR A 33 0.30 -14.24 -10.83
CA THR A 33 1.63 -14.07 -11.36
C THR A 33 2.18 -15.45 -11.56
N LEU A 34 2.63 -15.73 -12.79
CA LEU A 34 3.36 -16.96 -13.04
C LEU A 34 4.81 -16.56 -13.15
N SER A 35 5.69 -17.28 -12.44
CA SER A 35 7.10 -16.92 -12.47
C SER A 35 7.97 -18.16 -12.64
N ILE A 36 9.08 -17.99 -13.36
CA ILE A 36 10.07 -19.07 -13.54
C ILE A 36 11.34 -18.66 -12.81
N THR A 37 11.99 -19.65 -12.22
CA THR A 37 13.25 -19.49 -11.49
C THR A 37 14.24 -18.58 -12.22
N LYS A 38 14.84 -17.68 -11.47
CA LYS A 38 15.98 -16.88 -11.95
C LYS A 38 17.22 -17.41 -11.28
N LYS A 39 17.96 -18.24 -11.99
CA LYS A 39 19.04 -18.99 -11.38
C LYS A 39 20.39 -18.41 -11.80
N THR A 40 21.26 -18.16 -10.81
CA THR A 40 22.64 -17.77 -11.12
C THR A 40 23.60 -18.86 -10.67
N LEU A 41 24.47 -19.27 -11.58
CA LEU A 41 25.44 -20.31 -11.32
C LEU A 41 26.85 -19.69 -11.28
N THR A 42 27.76 -20.31 -10.52
CA THR A 42 29.17 -19.90 -10.60
C THR A 42 29.72 -20.37 -11.95
N ALA A 43 30.69 -19.65 -12.48
CA ALA A 43 31.38 -20.10 -13.69
C ALA A 43 31.94 -21.51 -13.48
N ALA A 44 32.31 -21.84 -12.25
CA ALA A 44 32.92 -23.13 -11.97
C ALA A 44 31.92 -24.26 -12.15
N GLU A 45 30.70 -24.07 -11.64
CA GLU A 45 29.73 -25.16 -11.67
C GLU A 45 28.90 -25.21 -12.95
N ALA A 46 28.90 -24.11 -13.72
CA ALA A 46 27.92 -23.96 -14.84
C ALA A 46 28.01 -24.99 -15.94
N PRO A 47 29.22 -25.25 -16.50
CA PRO A 47 29.28 -26.15 -17.66
C PRO A 47 28.67 -27.51 -17.35
N ASN A 48 27.72 -27.94 -18.19
CA ASN A 48 26.98 -29.22 -18.01
C ASN A 48 26.10 -29.33 -16.78
N ALA A 49 25.90 -28.23 -16.05
CA ALA A 49 25.06 -28.25 -14.87
C ALA A 49 23.62 -28.66 -15.21
N LYS A 50 23.06 -29.54 -14.39
CA LYS A 50 21.66 -29.94 -14.53
C LYS A 50 20.90 -29.15 -13.48
N VAL A 51 20.10 -28.20 -13.95
CA VAL A 51 19.53 -27.21 -13.07
C VAL A 51 18.03 -27.49 -12.88
N THR A 52 17.60 -27.61 -11.62
CA THR A 52 16.17 -27.68 -11.31
C THR A 52 15.51 -26.32 -11.43
N GLU A 54 11.68 -24.10 -11.66
CA GLU A 54 10.28 -24.13 -11.19
C GLU A 54 9.42 -23.07 -11.85
N LEU A 55 8.23 -23.48 -12.30
CA LEU A 55 7.18 -22.55 -12.64
C LEU A 55 6.26 -22.43 -11.44
N SER A 56 6.16 -21.22 -10.90
CA SER A 56 5.33 -20.97 -9.70
C SER A 56 4.12 -20.08 -9.97
N VAL A 57 3.12 -20.19 -9.10
CA VAL A 57 1.87 -19.41 -9.15
C VAL A 57 1.74 -18.62 -7.84
N GLU A 58 1.38 -17.34 -7.94
CA GLU A 58 1.12 -16.54 -6.77
C GLU A 58 -0.13 -15.76 -7.06
N GLY A 59 -0.96 -15.53 -6.04
CA GLY A 59 -2.08 -14.64 -6.17
C GLY A 59 -3.32 -15.28 -6.76
N ALA A 60 -3.36 -16.61 -6.88
CA ALA A 60 -4.51 -17.27 -7.51
C ALA A 60 -5.11 -18.43 -6.69
N ALA A 61 -4.70 -18.59 -5.42
CA ALA A 61 -5.13 -19.76 -4.63
C ALA A 61 -6.64 -19.81 -4.56
N ASP A 62 -7.19 -21.00 -4.76
CA ASP A 62 -8.64 -21.26 -4.75
C ASP A 62 -9.42 -20.56 -5.85
N LYS A 63 -8.73 -20.06 -6.87
CA LYS A 63 -9.43 -19.32 -7.94
C LYS A 63 -9.28 -19.92 -9.34
N TYR A 64 -8.47 -20.94 -9.47
CA TYR A 64 -8.23 -21.53 -10.79
C TYR A 64 -8.21 -23.04 -10.75
N ALA A 65 -8.25 -23.63 -11.95
CA ALA A 65 -8.10 -25.08 -12.12
C ALA A 65 -7.54 -25.45 -13.50
N ALA A 66 -8.08 -24.83 -14.55
CA ALA A 66 -7.77 -25.23 -15.93
C ALA A 66 -6.56 -24.41 -16.39
N THR A 67 -5.44 -25.08 -16.69
CA THR A 67 -4.23 -24.39 -17.18
C THR A 67 -3.69 -25.13 -18.40
N GLY A 68 -3.03 -24.38 -19.26
CA GLY A 68 -2.35 -24.96 -20.42
C GLY A 68 -1.19 -24.00 -20.59
N LEU A 69 0.02 -24.47 -20.33
CA LEU A 69 1.16 -23.55 -20.27
C LEU A 69 2.34 -24.12 -21.02
N HIS A 70 2.79 -23.38 -22.04
CA HIS A 70 3.95 -23.80 -22.81
C HIS A 70 5.18 -23.12 -22.26
N ILE A 71 6.21 -23.91 -21.97
CA ILE A 71 7.44 -23.33 -21.47
C ILE A 71 8.47 -23.51 -22.57
N GLN A 72 9.14 -22.41 -22.94
CA GLN A 72 10.17 -22.51 -23.97
C GLN A 72 11.48 -21.99 -23.39
N PHE A 73 12.59 -22.47 -23.92
CA PHE A 73 13.89 -22.09 -23.37
C PHE A 73 14.95 -21.95 -24.48
N ASP A 74 16.00 -21.22 -24.15
CA ASP A 74 17.16 -21.06 -25.04
C ASP A 74 17.51 -22.42 -25.65
N PRO A 75 17.54 -22.54 -27.00
CA PRO A 75 17.82 -23.80 -27.68
C PRO A 75 19.19 -24.42 -27.30
N LYS A 76 20.08 -23.66 -26.69
CA LYS A 76 21.34 -24.24 -26.21
C LYS A 76 21.16 -25.08 -24.96
N LEU A 77 20.05 -24.89 -24.26
CA LEU A 77 19.75 -25.71 -23.04
C LEU A 77 19.09 -26.98 -23.48
N LYS A 78 19.21 -28.03 -22.66
CA LYS A 78 18.57 -29.30 -22.97
C LYS A 78 17.65 -29.71 -21.82
N LEU A 79 16.41 -30.08 -22.13
CA LEU A 79 15.45 -30.60 -21.14
C LEU A 79 15.80 -32.03 -20.79
N ILE A 80 16.01 -32.28 -19.51
CA ILE A 80 16.41 -33.59 -19.03
C ILE A 80 15.24 -34.38 -18.38
N PRO A 81 14.69 -35.41 -19.06
CA PRO A 81 13.58 -36.15 -18.46
C PRO A 81 14.11 -36.87 -17.23
N ASP A 82 13.25 -37.13 -16.23
CA ASP A 82 13.75 -37.82 -15.03
C ASP A 82 13.86 -39.31 -15.25
N GLU A 83 14.15 -40.04 -14.18
CA GLU A 83 14.42 -41.47 -14.27
C GLU A 83 13.17 -42.26 -14.70
N ASP A 84 11.98 -41.66 -14.56
CA ASP A 84 10.73 -42.27 -15.05
C ASP A 84 10.39 -41.85 -16.47
N GLY A 85 11.19 -40.94 -17.04
CA GLY A 85 10.90 -40.42 -18.39
C GLY A 85 10.00 -39.18 -18.37
N ALA A 86 9.62 -38.71 -17.17
CA ALA A 86 8.78 -37.51 -17.03
C ALA A 86 9.54 -36.23 -17.38
N LEU A 87 8.90 -35.35 -18.14
CA LEU A 87 9.54 -34.10 -18.59
C LEU A 87 9.48 -33.03 -17.53
N ALA A 88 8.45 -33.11 -16.68
CA ALA A 88 8.32 -32.22 -15.54
C ALA A 88 7.48 -32.96 -14.50
N THR A 89 7.53 -32.51 -13.25
CA THR A 89 6.79 -33.08 -12.14
C THR A 89 5.93 -32.00 -11.47
N ALA A 90 4.64 -32.28 -11.27
CA ALA A 90 3.77 -31.29 -10.61
C ALA A 90 4.20 -31.02 -9.17
N GLY A 91 4.12 -29.76 -8.76
CA GLY A 91 4.51 -29.37 -7.40
C GLY A 91 3.30 -29.15 -6.50
N ARG A 92 3.56 -28.57 -5.33
CA ARG A 92 2.53 -28.32 -4.32
C ARG A 92 1.38 -27.46 -4.77
N ALA A 93 1.62 -26.48 -5.65
CA ALA A 93 0.50 -25.68 -6.16
C ALA A 93 -0.58 -26.53 -6.86
N ALA A 94 -0.18 -27.63 -7.47
CA ALA A 94 -1.11 -28.50 -8.21
C ALA A 94 -1.61 -29.72 -7.41
N ARG A 95 -1.35 -29.74 -6.10
CA ARG A 95 -1.53 -30.99 -5.30
C ARG A 95 -2.97 -31.46 -5.27
N LEU A 96 -3.93 -30.54 -5.35
CA LEU A 96 -5.34 -30.91 -5.36
C LEU A 96 -5.94 -30.99 -6.76
N LEU A 97 -5.24 -30.50 -7.78
CA LEU A 97 -5.81 -30.56 -9.15
C LEU A 97 -5.91 -32.00 -9.60
N GLU A 98 -7.07 -32.39 -10.16
CA GLU A 98 -7.33 -33.79 -10.48
C GLU A 98 -6.59 -34.27 -11.74
N LEU A 99 -6.39 -33.37 -12.70
CA LEU A 99 -5.68 -33.69 -13.97
C LEU A 99 -4.37 -32.88 -14.02
N LYS A 100 -3.26 -33.55 -14.27
CA LYS A 100 -1.96 -32.89 -14.44
C LYS A 100 -1.19 -33.68 -15.48
N LYS A 101 -0.71 -33.01 -16.53
CA LYS A 101 0.17 -33.73 -17.48
C LYS A 101 1.25 -32.83 -18.05
N ALA A 102 2.42 -33.41 -18.33
CA ALA A 102 3.51 -32.71 -19.00
C ALA A 102 3.91 -33.52 -20.21
N GLU A 103 4.05 -32.85 -21.34
CA GLU A 103 4.31 -33.59 -22.56
C GLU A 103 5.19 -32.78 -23.52
N ALA A 104 5.78 -33.50 -24.47
CA ALA A 104 6.71 -32.92 -25.44
C ALA A 104 6.00 -31.91 -26.32
N ASP A 105 6.75 -30.89 -26.76
CA ASP A 105 6.26 -29.90 -27.72
C ASP A 105 7.27 -29.77 -28.88
N THR A 106 8.34 -28.99 -28.69
CA THR A 106 9.40 -28.88 -29.70
C THR A 106 10.72 -29.19 -29.04
N ASP A 107 11.83 -29.14 -29.81
CA ASP A 107 13.15 -29.34 -29.22
C ASP A 107 13.51 -28.31 -28.17
N ASN A 108 12.89 -27.14 -28.19
CA ASN A 108 13.18 -26.20 -27.11
C ASN A 108 11.93 -25.74 -26.32
N SER A 109 10.95 -26.63 -26.15
CA SER A 109 9.72 -26.26 -25.42
C SER A 109 8.96 -27.52 -25.00
N PHE A 110 8.18 -27.39 -23.93
CA PHE A 110 7.24 -28.44 -23.55
C PHE A 110 5.91 -27.83 -23.09
N PHE A 111 4.91 -28.66 -23.01
CA PHE A 111 3.56 -28.21 -22.70
C PHE A 111 3.11 -28.86 -21.40
N THR A 112 2.49 -28.05 -20.56
CA THR A 112 1.90 -28.57 -19.30
C THR A 112 0.43 -28.23 -19.28
N ALA A 113 -0.39 -29.06 -18.63
CA ALA A 113 -1.86 -28.81 -18.56
C ALA A 113 -2.39 -29.34 -17.24
N THR A 114 -3.35 -28.63 -16.67
CA THR A 114 -4.01 -29.08 -15.44
C THR A 114 -5.50 -28.87 -15.61
N GLY A 115 -6.26 -29.60 -14.82
CA GLY A 115 -7.72 -29.45 -14.81
C GLY A 115 -8.22 -29.94 -13.48
N SER A 116 -9.48 -29.64 -13.16
CA SER A 116 -10.09 -30.13 -11.94
C SER A 116 -11.60 -29.84 -11.99
N SER A 117 -12.34 -30.44 -11.07
CA SER A 117 -13.80 -30.28 -11.05
C SER A 117 -14.22 -29.07 -10.21
N THR A 118 -13.30 -28.55 -9.40
CA THR A 118 -13.53 -27.32 -8.61
C THR A 118 -12.25 -26.47 -8.69
N ASN A 119 -12.33 -25.21 -8.24
CA ASN A 119 -11.19 -24.31 -8.31
C ASN A 119 -10.24 -24.54 -7.15
N ASN A 120 -9.58 -25.70 -7.16
CA ASN A 120 -8.71 -26.03 -6.06
C ASN A 120 -7.20 -25.98 -6.40
N GLY A 121 -6.85 -25.24 -7.45
CA GLY A 121 -5.44 -24.84 -7.59
C GLY A 121 -4.97 -23.97 -6.42
N LYS A 122 -3.68 -24.06 -6.10
CA LYS A 122 -3.07 -23.28 -5.01
C LYS A 122 -1.88 -22.45 -5.52
N ASP A 123 -1.35 -21.60 -4.65
CA ASP A 123 -0.13 -20.89 -4.95
C ASP A 123 1.05 -21.82 -4.65
N GLY A 124 2.23 -21.45 -5.12
CA GLY A 124 3.42 -22.25 -4.91
C GLY A 124 3.95 -22.83 -6.21
N VAL A 125 4.76 -23.87 -6.11
CA VAL A 125 5.37 -24.48 -7.33
C VAL A 125 4.32 -25.34 -8.08
N LEU A 126 4.06 -24.98 -9.33
CA LEU A 126 3.15 -25.74 -10.15
C LEU A 126 3.89 -26.90 -10.85
N TRP A 127 5.06 -26.59 -11.46
CA TRP A 127 5.83 -27.62 -12.15
C TRP A 127 7.29 -27.44 -11.85
N SER A 128 7.99 -28.56 -11.68
CA SER A 128 9.42 -28.53 -11.57
C SER A 128 10.01 -29.33 -12.75
N PHE A 129 11.18 -28.94 -13.25
CA PHE A 129 11.79 -29.58 -14.41
C PHE A 129 13.29 -29.26 -14.42
N VAL A 130 14.04 -30.00 -15.23
CA VAL A 130 15.51 -29.88 -15.20
C VAL A 130 16.01 -29.49 -16.59
N LEU A 131 16.84 -28.43 -16.64
CA LEU A 131 17.48 -27.99 -17.86
C LEU A 131 18.97 -28.12 -17.68
N GLN A 132 19.64 -28.62 -18.69
CA GLN A 132 21.09 -28.75 -18.61
C GLN A 132 21.81 -27.66 -19.44
N VAL A 133 22.76 -27.02 -18.79
CA VAL A 133 23.56 -25.92 -19.35
C VAL A 133 24.64 -26.51 -20.27
N PRO A 134 24.95 -25.85 -21.39
CA PRO A 134 25.95 -26.45 -22.31
C PRO A 134 27.39 -26.50 -21.76
N ALA A 135 28.21 -27.36 -22.36
CA ALA A 135 29.58 -27.54 -21.89
C ALA A 135 30.42 -26.27 -22.09
N ASP A 136 29.98 -25.38 -22.98
CA ASP A 136 30.77 -24.19 -23.29
C ASP A 136 30.37 -22.94 -22.52
N ALA A 137 29.48 -23.08 -21.52
CA ALA A 137 29.01 -21.94 -20.76
C ALA A 137 30.16 -21.12 -20.18
N GLN A 138 30.04 -19.81 -20.27
CA GLN A 138 31.05 -18.83 -19.83
C GLN A 138 30.45 -17.78 -18.89
N PRO A 139 31.28 -17.18 -18.00
CA PRO A 139 30.81 -16.09 -17.14
C PRO A 139 30.07 -15.09 -17.98
N GLY A 140 28.95 -14.58 -17.48
CA GLY A 140 28.12 -13.66 -18.22
C GLY A 140 27.02 -14.29 -19.09
N ASP A 141 27.15 -15.57 -19.43
CA ASP A 141 26.17 -16.20 -20.36
C ASP A 141 24.80 -16.22 -19.67
N LYS A 142 23.71 -15.99 -20.43
CA LYS A 142 22.36 -15.99 -19.87
C LYS A 142 21.46 -16.75 -20.84
N TYR A 143 20.72 -17.71 -20.34
CA TYR A 143 19.83 -18.57 -21.13
C TYR A 143 18.41 -18.36 -20.61
N ASP A 144 17.54 -17.74 -21.42
CA ASP A 144 16.16 -17.39 -21.02
C ASP A 144 15.27 -18.64 -20.93
N VAL A 145 14.34 -18.63 -19.96
CA VAL A 145 13.36 -19.72 -19.81
C VAL A 145 12.02 -19.02 -19.56
N GLN A 146 11.05 -19.29 -20.42
CA GLN A 146 9.91 -18.43 -20.63
C GLN A 146 8.59 -19.18 -20.73
N VAL A 147 7.54 -18.56 -20.19
CA VAL A 147 6.16 -18.92 -20.60
C VAL A 147 5.86 -18.22 -21.91
N ALA A 148 5.34 -18.97 -22.88
CA ALA A 148 5.03 -18.42 -24.20
C ALA A 148 3.54 -18.60 -24.49
N TYR A 149 2.94 -17.69 -25.25
CA TYR A 149 1.53 -17.73 -25.61
C TYR A 149 1.40 -17.77 -27.13
N GLN A 150 0.49 -18.57 -27.66
CA GLN A 150 -0.08 -18.26 -28.97
C GLN A 150 -1.50 -18.77 -29.11
N SER A 151 -2.21 -18.28 -30.14
CA SER A 151 -3.58 -18.72 -30.41
C SER A 151 -3.51 -20.14 -30.93
N ARG A 152 -4.30 -21.04 -30.35
CA ARG A 152 -4.25 -22.46 -30.74
C ARG A 152 -5.66 -23.03 -30.75
N THR A 153 -5.85 -24.10 -31.51
CA THR A 153 -7.10 -24.86 -31.45
C THR A 153 -7.00 -26.09 -30.57
N THR A 154 -5.78 -26.59 -30.34
CA THR A 154 -5.57 -27.71 -29.44
C THR A 154 -4.40 -27.34 -28.54
N ASN A 155 -4.30 -28.01 -27.38
CA ASN A 155 -3.32 -27.64 -26.35
C ASN A 155 -3.29 -26.14 -26.14
N GLU A 156 -4.48 -25.54 -26.00
CA GLU A 156 -4.56 -24.10 -25.83
C GLU A 156 -3.81 -23.61 -24.62
N ASP A 157 -3.30 -22.38 -24.73
CA ASP A 157 -2.73 -21.69 -23.59
C ASP A 157 -3.87 -21.10 -22.76
N LEU A 158 -3.91 -21.51 -21.50
CA LEU A 158 -5.04 -21.22 -20.64
C LEU A 158 -4.58 -21.00 -19.21
N PHE A 159 -5.29 -20.13 -18.49
CA PHE A 159 -5.11 -20.05 -17.05
C PHE A 159 -6.39 -19.49 -16.48
N THR A 160 -7.27 -20.38 -16.01
CA THR A 160 -8.68 -19.98 -15.85
C THR A 160 -9.36 -20.90 -14.86
N ASN A 161 -10.66 -20.68 -14.62
CA ASN A 161 -11.38 -21.40 -13.57
C ASN A 161 -12.31 -22.47 -14.18
N VAL A 162 -13.01 -23.27 -13.37
CA VAL A 162 -13.76 -24.36 -13.98
CA VAL A 162 -13.81 -24.37 -13.92
C VAL A 162 -14.91 -23.87 -14.88
N LYS A 163 -15.57 -22.76 -14.51
CA LYS A 163 -16.71 -22.32 -15.31
C LYS A 163 -16.35 -21.49 -16.54
N LYS A 164 -15.14 -20.95 -16.56
CA LYS A 164 -14.73 -19.94 -17.55
C LYS A 164 -15.73 -18.82 -17.65
N ASP A 165 -16.11 -18.27 -16.51
CA ASP A 165 -16.96 -17.11 -16.47
C ASP A 165 -16.13 -15.83 -16.63
N GLU A 166 -16.73 -14.67 -16.38
CA GLU A 166 -16.05 -13.41 -16.59
C GLU A 166 -14.80 -13.34 -15.72
N GLU A 167 -14.91 -13.80 -14.47
CA GLU A 167 -13.77 -13.79 -13.56
C GLU A 167 -12.64 -14.66 -14.13
N GLY A 168 -13.00 -15.80 -14.72
CA GLY A 168 -12.02 -16.71 -15.28
C GLY A 168 -11.36 -16.06 -16.50
N LEU A 169 -12.15 -15.43 -17.35
CA LEU A 169 -11.58 -14.78 -18.56
C LEU A 169 -10.65 -13.62 -18.25
N LEU A 170 -11.02 -12.85 -17.23
CA LEU A 170 -10.24 -11.69 -16.81
C LEU A 170 -8.92 -12.12 -16.20
N GLN A 172 -7.36 -14.87 -16.79
CA GLN A 172 -6.51 -15.38 -17.88
C GLN A 172 -5.87 -14.24 -18.68
N ALA A 173 -6.68 -13.24 -19.05
CA ALA A 173 -6.18 -12.08 -19.77
C ALA A 173 -5.09 -11.40 -18.94
N TRP A 174 -5.33 -11.23 -17.63
CA TRP A 174 -4.30 -10.64 -16.78
C TRP A 174 -3.03 -11.50 -16.86
N THR A 175 -3.18 -12.80 -16.71
CA THR A 175 -2.01 -13.67 -16.59
C THR A 175 -1.07 -13.52 -17.81
N PHE A 176 -1.63 -13.59 -19.01
CA PHE A 176 -0.80 -13.64 -20.20
C PHE A 176 -0.40 -12.26 -20.69
N THR A 177 -1.10 -11.21 -20.26
CA THR A 177 -0.69 -9.84 -20.71
C THR A 177 0.18 -9.09 -19.71
N GLN A 178 0.03 -9.40 -18.43
CA GLN A 178 0.73 -8.67 -17.37
C GLN A 178 1.34 -9.53 -16.27
N GLY A 179 0.96 -10.80 -16.19
CA GLY A 179 1.31 -11.56 -14.99
C GLY A 179 2.43 -12.55 -15.19
N ILE A 180 3.28 -12.33 -16.21
CA ILE A 180 4.38 -13.29 -16.42
C ILE A 180 5.70 -12.69 -15.95
N GLU A 181 6.38 -13.40 -15.05
CA GLU A 181 7.75 -13.08 -14.68
C GLU A 181 8.68 -14.15 -15.27
N GLN A 182 9.38 -13.80 -16.35
CA GLN A 182 10.20 -14.78 -17.06
C GLN A 182 11.45 -15.12 -16.22
N GLY A 183 12.04 -16.28 -16.49
CA GLY A 183 13.22 -16.69 -15.76
C GLY A 183 14.42 -16.94 -16.67
N TYR A 184 15.46 -17.52 -16.08
CA TYR A 184 16.69 -17.80 -16.81
C TYR A 184 17.64 -18.62 -15.97
N ILE A 185 18.65 -19.14 -16.66
CA ILE A 185 19.87 -19.61 -16.00
C ILE A 185 20.98 -18.68 -16.50
N GLN A 186 21.71 -18.07 -15.58
CA GLN A 186 22.85 -17.25 -16.02
C GLN A 186 24.10 -17.64 -15.26
N VAL A 187 25.25 -17.39 -15.87
CA VAL A 187 26.54 -17.72 -15.25
C VAL A 187 27.06 -16.42 -14.63
N GLU A 188 27.39 -16.46 -13.34
CA GLU A 188 27.96 -15.30 -12.67
C GLU A 188 29.10 -14.69 -13.49
N SER A 189 29.04 -13.38 -13.67
CA SER A 189 30.13 -12.59 -14.25
C SER A 189 31.35 -12.56 -13.33
N THR A 190 32.53 -12.59 -13.92
CA THR A 190 33.77 -12.57 -13.15
C THR A 190 33.84 -11.30 -12.28
N THR A 191 34.08 -11.51 -10.99
CA THR A 191 34.24 -10.41 -10.04
C THR A 191 35.60 -9.77 -10.24
N SER A 192 35.68 -8.48 -9.92
CA SER A 192 36.95 -7.79 -9.90
C SER A 192 37.07 -6.91 -8.67
N GLY B 11 0.04 1.28 -20.99
CA GLY B 11 1.36 1.65 -21.47
C GLY B 11 1.97 2.83 -20.73
N PRO B 12 3.30 2.96 -20.79
CA PRO B 12 3.96 3.98 -19.98
C PRO B 12 4.00 5.36 -20.66
N ALA B 13 4.31 6.39 -19.89
CA ALA B 13 4.53 7.72 -20.47
C ALA B 13 5.76 7.69 -21.36
N ALA B 14 5.89 8.71 -22.23
CA ALA B 14 7.10 8.87 -23.03
C ALA B 14 8.31 9.31 -22.20
N GLY B 15 9.51 9.05 -22.71
CA GLY B 15 10.74 9.53 -22.09
C GLY B 15 11.40 8.56 -21.15
N GLN B 16 11.72 9.05 -19.96
CA GLN B 16 12.40 8.24 -18.96
C GLN B 16 11.42 7.22 -18.39
N ALA B 17 11.89 5.99 -18.19
CA ALA B 17 11.09 4.97 -17.49
C ALA B 17 10.86 5.41 -16.05
N TYR B 18 9.62 5.26 -15.61
CA TYR B 18 9.25 5.62 -14.27
C TYR B 18 9.73 4.51 -13.34
N ASP B 19 10.47 4.88 -12.29
CA ASP B 19 10.96 3.92 -11.31
C ASP B 19 9.93 3.73 -10.19
N ALA B 20 9.19 2.64 -10.24
CA ALA B 20 8.24 2.31 -9.17
C ALA B 20 8.90 1.56 -8.01
N GLY B 21 10.21 1.37 -8.07
CA GLY B 21 10.93 0.76 -6.94
C GLY B 21 10.39 -0.64 -6.71
N ASN B 22 10.09 -0.97 -5.46
CA ASN B 22 9.48 -2.25 -5.12
C ASN B 22 7.97 -2.25 -4.91
N LEU B 23 7.29 -1.19 -5.38
CA LEU B 23 5.84 -1.13 -5.24
C LEU B 23 5.16 -2.15 -6.13
N ASP B 24 4.12 -2.76 -5.57
CA ASP B 24 3.27 -3.70 -6.26
C ASP B 24 2.28 -2.88 -7.09
N VAL B 25 2.68 -2.47 -8.30
CA VAL B 25 1.88 -1.52 -9.07
C VAL B 25 0.50 -2.10 -9.41
N ALA B 26 0.45 -3.41 -9.63
CA ALA B 26 -0.80 -4.08 -10.00
C ALA B 26 -1.84 -4.01 -8.90
N SER B 27 -1.38 -3.81 -7.66
CA SER B 27 -2.30 -3.78 -6.50
C SER B 27 -2.93 -2.39 -6.29
N SER B 28 -2.51 -1.41 -7.08
CA SER B 28 -3.03 -0.06 -6.88
C SER B 28 -4.56 -0.03 -6.86
N PRO B 29 -5.16 0.40 -5.73
CA PRO B 29 -6.63 0.54 -5.66
C PRO B 29 -7.23 1.46 -6.71
N VAL B 30 -6.51 2.53 -7.08
CA VAL B 30 -7.01 3.46 -8.12
C VAL B 30 -6.12 3.31 -9.31
N LYS B 31 -6.71 3.10 -10.48
CA LYS B 31 -5.85 2.91 -11.68
C LYS B 31 -6.25 3.88 -12.80
N PRO B 32 -5.72 5.12 -12.77
CA PRO B 32 -6.14 6.12 -13.74
C PRO B 32 -5.72 5.79 -15.15
N THR B 33 -6.46 6.33 -16.12
CA THR B 33 -6.00 6.34 -17.51
C THR B 33 -5.96 7.80 -17.95
N LEU B 34 -4.81 8.26 -18.43
CA LEU B 34 -4.72 9.57 -19.06
C LEU B 34 -4.64 9.33 -20.55
N SER B 35 -5.46 10.07 -21.28
CA SER B 35 -5.47 9.90 -22.72
C SER B 35 -5.50 11.23 -23.43
N ILE B 36 -4.82 11.25 -24.57
CA ILE B 36 -4.77 12.41 -25.45
C ILE B 36 -5.53 12.06 -26.73
N THR B 37 -6.29 13.02 -27.23
CA THR B 37 -7.00 12.93 -28.49
C THR B 37 -6.22 12.22 -29.58
N LYS B 38 -6.88 11.31 -30.25
CA LYS B 38 -6.36 10.69 -31.47
C LYS B 38 -7.15 11.32 -32.62
N LYS B 39 -6.53 12.26 -33.32
CA LYS B 39 -7.22 13.02 -34.36
C LYS B 39 -6.76 12.57 -35.73
N THR B 40 -7.73 12.37 -36.62
CA THR B 40 -7.43 12.06 -38.02
C THR B 40 -8.05 13.13 -38.91
N LEU B 41 -7.22 13.75 -39.76
CA LEU B 41 -7.70 14.78 -40.68
C LEU B 41 -7.63 14.32 -42.14
N THR B 42 -8.54 14.83 -42.97
CA THR B 42 -8.46 14.60 -44.42
C THR B 42 -7.23 15.34 -44.92
N ALA B 43 -6.69 14.86 -46.04
CA ALA B 43 -5.50 15.46 -46.68
C ALA B 43 -5.75 16.88 -47.13
N ALA B 44 -7.01 17.20 -47.41
CA ALA B 44 -7.43 18.54 -47.81
C ALA B 44 -7.40 19.51 -46.61
N GLU B 45 -8.04 19.12 -45.51
CA GLU B 45 -8.16 19.95 -44.30
C GLU B 45 -6.84 20.08 -43.54
N ALA B 46 -5.96 19.08 -43.66
CA ALA B 46 -4.78 18.99 -42.78
C ALA B 46 -3.80 20.17 -42.78
N PRO B 47 -3.29 20.58 -43.97
CA PRO B 47 -2.31 21.66 -43.94
C PRO B 47 -2.79 22.89 -43.18
N ASN B 48 -1.97 23.37 -42.25
CA ASN B 48 -2.29 24.57 -41.46
C ASN B 48 -3.47 24.45 -40.49
N ALA B 49 -4.12 23.28 -40.43
CA ALA B 49 -5.26 23.08 -39.51
C ALA B 49 -4.84 23.40 -38.10
N LYS B 50 -5.69 24.14 -37.40
CA LYS B 50 -5.48 24.42 -35.97
C LYS B 50 -6.36 23.44 -35.22
N VAL B 51 -5.75 22.47 -34.53
CA VAL B 51 -6.55 21.36 -34.00
C VAL B 51 -6.71 21.43 -32.49
N THR B 52 -7.96 21.36 -32.03
CA THR B 52 -8.25 21.22 -30.60
C THR B 52 -8.00 19.81 -30.10
N GLU B 54 -7.27 17.30 -26.49
CA GLU B 54 -7.64 17.19 -25.09
C GLU B 54 -6.84 16.10 -24.36
N LEU B 55 -6.46 16.42 -23.13
CA LEU B 55 -5.94 15.44 -22.18
C LEU B 55 -7.07 15.11 -21.22
N SER B 56 -7.50 13.85 -21.24
CA SER B 56 -8.64 13.39 -20.41
C SER B 56 -8.20 12.40 -19.35
N VAL B 57 -8.98 12.32 -18.26
CA VAL B 57 -8.71 11.43 -17.15
C VAL B 57 -9.89 10.45 -17.05
N GLU B 58 -9.62 9.17 -16.86
CA GLU B 58 -10.70 8.25 -16.51
C GLU B 58 -10.28 7.38 -15.35
N GLY B 59 -11.24 6.91 -14.54
CA GLY B 59 -10.95 5.98 -13.46
C GLY B 59 -10.37 6.59 -12.19
N ALA B 60 -10.48 7.91 -12.01
CA ALA B 60 -9.81 8.56 -10.86
C ALA B 60 -10.69 9.55 -10.11
N ALA B 61 -11.99 9.60 -10.47
CA ALA B 61 -12.87 10.63 -9.95
C ALA B 61 -12.90 10.55 -8.43
N ASP B 62 -12.79 11.71 -7.79
CA ASP B 62 -12.76 11.81 -6.33
C ASP B 62 -11.55 11.17 -5.65
N LYS B 63 -10.49 10.88 -6.40
CA LYS B 63 -9.34 10.17 -5.82
C LYS B 63 -8.01 10.89 -5.96
N TYR B 64 -8.01 12.01 -6.69
CA TYR B 64 -6.76 12.73 -6.94
C TYR B 64 -6.94 14.23 -6.77
N ALA B 65 -5.80 14.94 -6.74
CA ALA B 65 -5.79 16.42 -6.66
C ALA B 65 -4.51 17.02 -7.30
N ALA B 66 -3.37 16.44 -6.98
CA ALA B 66 -2.09 17.04 -7.32
C ALA B 66 -1.59 16.35 -8.58
N THR B 67 -1.48 17.13 -9.66
CA THR B 67 -0.94 16.62 -10.92
C THR B 67 0.16 17.52 -11.41
N GLY B 68 1.06 16.96 -12.21
CA GLY B 68 2.08 17.77 -12.86
C GLY B 68 2.29 16.97 -14.11
N LEU B 69 1.83 17.48 -15.24
CA LEU B 69 1.85 16.72 -16.47
C LEU B 69 2.49 17.51 -17.58
N HIS B 70 3.54 16.92 -18.18
CA HIS B 70 4.22 17.50 -19.32
C HIS B 70 3.65 16.88 -20.57
N ILE B 71 3.18 17.74 -21.47
CA ILE B 71 2.73 17.34 -22.77
C ILE B 71 3.76 17.74 -23.83
N GLN B 72 4.23 16.76 -24.60
CA GLN B 72 5.23 17.00 -25.63
C GLN B 72 4.64 16.58 -26.95
N PHE B 73 5.02 17.25 -28.00
CA PHE B 73 4.39 17.01 -29.29
C PHE B 73 5.49 17.05 -30.36
N ASP B 74 5.19 16.41 -31.48
CA ASP B 74 6.07 16.44 -32.66
C ASP B 74 6.52 17.89 -32.93
N PRO B 75 7.85 18.13 -32.98
CA PRO B 75 8.39 19.51 -33.16
C PRO B 75 7.89 20.26 -34.42
N LYS B 76 7.30 19.53 -35.37
CA LYS B 76 6.72 20.13 -36.57
C LYS B 76 5.36 20.78 -36.32
N LEU B 77 4.73 20.44 -35.20
CA LEU B 77 3.47 21.06 -34.82
C LEU B 77 3.76 22.34 -34.04
N LYS B 78 2.78 23.24 -33.98
CA LYS B 78 2.98 24.48 -33.24
C LYS B 78 1.85 24.67 -32.25
N LEU B 79 2.20 24.95 -31.00
CA LEU B 79 1.23 25.23 -29.95
C LEU B 79 0.67 26.64 -30.15
N ILE B 80 -0.65 26.75 -30.20
CA ILE B 80 -1.29 28.02 -30.46
C ILE B 80 -1.99 28.58 -29.20
N PRO B 81 -1.37 29.57 -28.53
CA PRO B 81 -2.03 30.18 -27.35
C PRO B 81 -3.35 30.82 -27.76
N ASP B 82 -4.30 30.92 -26.84
CA ASP B 82 -5.61 31.47 -27.20
C ASP B 82 -5.58 33.00 -27.15
N GLU B 83 -6.71 33.65 -27.35
CA GLU B 83 -6.71 35.11 -27.42
C GLU B 83 -6.20 35.81 -26.14
N ASP B 84 -6.26 35.10 -25.02
CA ASP B 84 -5.76 35.60 -23.72
C ASP B 84 -4.29 35.29 -23.51
N GLY B 85 -3.70 34.55 -24.46
CA GLY B 85 -2.34 34.06 -24.29
C GLY B 85 -2.23 32.75 -23.48
N ALA B 86 -3.37 32.16 -23.14
CA ALA B 86 -3.40 30.87 -22.42
C ALA B 86 -2.89 29.73 -23.31
N LEU B 87 -1.93 28.96 -22.81
CA LEU B 87 -1.39 27.80 -23.54
C LEU B 87 -2.36 26.62 -23.53
N ALA B 88 -3.18 26.56 -22.48
CA ALA B 88 -4.17 25.49 -22.38
C ALA B 88 -5.25 25.99 -21.44
N THR B 89 -6.43 25.38 -21.52
CA THR B 89 -7.58 25.74 -20.68
C THR B 89 -8.06 24.50 -19.95
N ALA B 90 -8.27 24.63 -18.64
CA ALA B 90 -8.72 23.50 -17.82
C ALA B 90 -10.15 23.14 -18.22
N GLY B 91 -10.45 21.84 -18.19
CA GLY B 91 -11.78 21.37 -18.60
C GLY B 91 -12.56 20.85 -17.41
N ARG B 92 -13.67 20.18 -17.68
CA ARG B 92 -14.59 19.72 -16.63
C ARG B 92 -14.02 18.77 -15.57
N ALA B 93 -13.06 17.93 -15.94
CA ALA B 93 -12.39 17.07 -14.95
C ALA B 93 -11.73 17.91 -13.85
N ALA B 94 -11.31 19.13 -14.20
CA ALA B 94 -10.63 20.00 -13.23
C ALA B 94 -11.53 21.04 -12.58
N ARG B 95 -12.84 20.89 -12.72
CA ARG B 95 -13.77 21.99 -12.40
C ARG B 95 -13.77 22.37 -10.91
N LEU B 96 -13.45 21.41 -10.04
CA LEU B 96 -13.47 21.63 -8.58
C LEU B 96 -12.07 21.86 -8.02
N LEU B 97 -11.05 21.49 -8.80
CA LEU B 97 -9.67 21.60 -8.34
C LEU B 97 -9.36 23.08 -8.12
N GLU B 98 -8.70 23.38 -7.00
CA GLU B 98 -8.51 24.79 -6.59
C GLU B 98 -7.39 25.51 -7.35
N LEU B 99 -6.31 24.78 -7.65
CA LEU B 99 -5.18 25.32 -8.38
C LEU B 99 -5.11 24.63 -9.73
N LYS B 100 -4.95 25.42 -10.79
CA LYS B 100 -4.80 24.90 -12.17
C LYS B 100 -3.91 25.88 -12.90
N LYS B 101 -2.84 25.40 -13.53
CA LYS B 101 -1.98 26.27 -14.32
C LYS B 101 -1.31 25.56 -15.49
N ALA B 102 -1.18 26.29 -16.59
CA ALA B 102 -0.48 25.80 -17.79
C ALA B 102 0.63 26.79 -18.12
N GLU B 103 1.84 26.28 -18.35
CA GLU B 103 2.98 27.15 -18.60
C GLU B 103 3.97 26.57 -19.59
N ALA B 104 4.75 27.46 -20.16
CA ALA B 104 5.75 27.07 -21.15
C ALA B 104 6.76 26.09 -20.56
N ASP B 105 7.33 25.25 -21.42
CA ASP B 105 8.38 24.30 -21.03
C ASP B 105 9.54 24.37 -22.03
N THR B 106 9.38 23.72 -23.18
CA THR B 106 10.38 23.80 -24.26
C THR B 106 9.66 24.16 -25.52
N ASP B 107 10.40 24.23 -26.64
CA ASP B 107 9.78 24.59 -27.93
C ASP B 107 8.70 23.62 -28.39
N ASN B 108 8.80 22.37 -27.97
CA ASN B 108 7.78 21.37 -28.31
C ASN B 108 7.11 20.71 -27.10
N SER B 109 7.02 21.43 -25.98
CA SER B 109 6.35 20.88 -24.80
C SER B 109 5.81 22.00 -23.91
N PHE B 110 4.87 21.64 -23.05
CA PHE B 110 4.38 22.56 -22.05
C PHE B 110 4.04 21.75 -20.78
N PHE B 111 3.94 22.46 -19.66
CA PHE B 111 3.72 21.83 -18.37
C PHE B 111 2.39 22.29 -17.84
N THR B 112 1.61 21.35 -17.31
CA THR B 112 0.35 21.65 -16.64
C THR B 112 0.40 21.14 -15.21
N ALA B 113 -0.26 21.85 -14.29
CA ALA B 113 -0.26 21.45 -12.89
C ALA B 113 -1.62 21.71 -12.31
N THR B 114 -2.04 20.85 -11.37
CA THR B 114 -3.27 21.08 -10.58
C THR B 114 -3.01 20.81 -9.10
N GLY B 115 -3.90 21.32 -8.27
CA GLY B 115 -3.79 21.08 -6.84
C GLY B 115 -5.12 21.37 -6.19
N SER B 116 -5.29 20.91 -4.97
CA SER B 116 -6.53 21.18 -4.25
C SER B 116 -6.35 20.77 -2.81
N SER B 117 -7.28 21.17 -1.94
CA SER B 117 -7.19 20.82 -0.52
C SER B 117 -7.92 19.52 -0.20
N THR B 118 -8.72 19.03 -1.15
CA THR B 118 -9.34 17.72 -1.04
C THR B 118 -9.17 16.99 -2.37
N ASN B 119 -9.46 15.70 -2.38
CA ASN B 119 -9.40 14.92 -3.61
C ASN B 119 -10.65 15.12 -4.45
N ASN B 120 -10.82 16.32 -5.00
CA ASN B 120 -12.02 16.60 -5.81
C ASN B 120 -11.74 16.70 -7.30
N GLY B 121 -10.64 16.09 -7.73
CA GLY B 121 -10.47 15.80 -9.16
C GLY B 121 -11.63 14.93 -9.67
N LYS B 122 -12.01 15.14 -10.92
CA LYS B 122 -13.05 14.34 -11.56
C LYS B 122 -12.54 13.66 -12.83
N ASP B 123 -13.37 12.82 -13.46
CA ASP B 123 -13.02 12.26 -14.75
C ASP B 123 -13.50 13.21 -15.83
N GLY B 124 -12.96 13.06 -17.04
CA GLY B 124 -13.31 13.92 -18.18
C GLY B 124 -12.11 14.68 -18.70
N VAL B 125 -12.35 15.81 -19.37
CA VAL B 125 -11.28 16.56 -20.00
C VAL B 125 -10.58 17.37 -18.92
N LEU B 126 -9.27 17.15 -18.77
CA LEU B 126 -8.46 17.91 -17.82
C LEU B 126 -7.95 19.24 -18.45
N TRP B 127 -7.36 19.14 -19.64
CA TRP B 127 -6.85 20.29 -20.37
C TRP B 127 -7.20 20.17 -21.82
N SER B 128 -7.47 21.33 -22.42
CA SER B 128 -7.58 21.46 -23.86
C SER B 128 -6.61 22.51 -24.37
N PHE B 129 -6.13 22.30 -25.58
CA PHE B 129 -5.08 23.12 -26.15
C PHE B 129 -5.13 22.95 -27.65
N VAL B 130 -4.44 23.81 -28.36
CA VAL B 130 -4.60 23.81 -29.82
C VAL B 130 -3.25 23.62 -30.43
N LEU B 131 -3.15 22.66 -31.35
CA LEU B 131 -1.92 22.47 -32.08
C LEU B 131 -2.17 22.70 -33.57
N GLN B 132 -1.22 23.36 -34.22
CA GLN B 132 -1.35 23.65 -35.65
C GLN B 132 -0.46 22.75 -36.50
N VAL B 133 -1.09 22.13 -37.50
CA VAL B 133 -0.48 21.15 -38.41
C VAL B 133 0.29 21.93 -39.50
N PRO B 134 1.51 21.47 -39.87
CA PRO B 134 2.30 22.27 -40.82
C PRO B 134 1.74 22.34 -42.25
N ALA B 135 2.19 23.36 -42.98
CA ALA B 135 1.75 23.60 -44.35
C ALA B 135 2.00 22.42 -45.30
N ASP B 136 3.05 21.65 -45.01
CA ASP B 136 3.48 20.54 -45.87
C ASP B 136 2.85 19.17 -45.53
N ALA B 137 1.78 19.16 -44.73
CA ALA B 137 1.17 17.89 -44.28
C ALA B 137 0.59 17.06 -45.43
N GLN B 138 0.99 15.79 -45.47
CA GLN B 138 0.65 14.89 -46.58
C GLN B 138 0.01 13.60 -46.07
N PRO B 139 -0.79 12.93 -46.92
CA PRO B 139 -1.44 11.68 -46.51
C PRO B 139 -0.46 10.76 -45.80
N GLY B 140 -0.94 10.11 -44.73
CA GLY B 140 -0.09 9.23 -43.89
C GLY B 140 0.84 9.86 -42.85
N ASP B 141 1.04 11.18 -42.92
CA ASP B 141 1.85 11.90 -41.93
C ASP B 141 1.20 11.68 -40.55
N LYS B 142 2.02 11.49 -39.53
CA LYS B 142 1.52 11.26 -38.18
C LYS B 142 2.39 12.00 -37.21
N TYR B 143 1.76 12.83 -36.38
CA TYR B 143 2.47 13.71 -35.45
C TYR B 143 2.01 13.34 -34.04
N ASP B 144 2.92 12.80 -33.24
CA ASP B 144 2.59 12.27 -31.91
C ASP B 144 2.38 13.41 -30.93
N VAL B 145 1.44 13.22 -30.01
CA VAL B 145 1.17 14.19 -28.95
C VAL B 145 1.12 13.33 -27.68
N GLN B 146 2.05 13.56 -26.75
CA GLN B 146 2.33 12.59 -25.69
C GLN B 146 2.46 13.18 -24.28
N VAL B 147 2.00 12.43 -23.28
CA VAL B 147 2.43 12.65 -21.91
C VAL B 147 3.85 12.11 -21.76
N ALA B 148 4.75 12.94 -21.25
CA ALA B 148 6.16 12.59 -21.07
C ALA B 148 6.57 12.58 -19.59
N TYR B 149 7.46 11.65 -19.22
CA TYR B 149 7.91 11.54 -17.84
C TYR B 149 9.45 11.72 -17.73
N GLN B 150 9.87 12.34 -16.62
CA GLN B 150 11.27 12.54 -16.30
C GLN B 150 11.35 12.77 -14.79
N SER B 151 12.32 12.15 -14.11
CA SER B 151 12.54 12.46 -12.71
C SER B 151 13.09 13.87 -12.59
N ARG B 152 12.44 14.71 -11.78
CA ARG B 152 12.78 16.12 -11.67
C ARG B 152 12.81 16.54 -10.20
N THR B 153 13.41 17.69 -9.91
CA THR B 153 13.24 18.31 -8.59
C THR B 153 12.24 19.48 -8.59
N THR B 154 12.06 20.13 -9.75
CA THR B 154 11.02 21.17 -9.87
C THR B 154 10.05 20.86 -11.00
N ASN B 155 8.81 21.34 -10.89
CA ASN B 155 7.77 20.94 -11.86
C ASN B 155 7.76 19.43 -12.03
N GLU B 156 7.72 18.73 -10.92
CA GLU B 156 7.75 17.28 -10.93
C GLU B 156 6.55 16.77 -11.70
N ASP B 157 6.74 15.64 -12.34
CA ASP B 157 5.63 14.96 -12.95
C ASP B 157 4.93 14.18 -11.85
N LEU B 158 3.64 14.41 -11.69
CA LEU B 158 2.89 13.81 -10.57
C LEU B 158 1.48 13.47 -10.95
N PHE B 159 0.90 12.49 -10.27
CA PHE B 159 -0.53 12.25 -10.36
C PHE B 159 -0.94 11.55 -9.09
N THR B 160 -1.41 12.33 -8.13
CA THR B 160 -1.53 11.82 -6.77
C THR B 160 -2.62 12.51 -5.97
N ASN B 161 -2.77 12.12 -4.71
CA ASN B 161 -3.81 12.65 -3.85
C ASN B 161 -3.29 13.72 -2.88
N VAL B 162 -4.18 14.32 -2.09
CA VAL B 162 -3.78 15.42 -1.18
C VAL B 162 -2.75 14.94 -0.15
N LYS B 163 -2.92 13.75 0.39
CA LYS B 163 -2.00 13.27 1.44
C LYS B 163 -0.67 12.71 0.93
N LYS B 164 -0.62 12.39 -0.36
CA LYS B 164 0.51 11.71 -0.96
C LYS B 164 0.81 10.47 -0.14
N ASP B 165 -0.23 9.71 0.21
CA ASP B 165 -0.03 8.48 0.96
C ASP B 165 0.26 7.31 0.00
N GLU B 166 0.21 6.07 0.49
CA GLU B 166 0.56 4.92 -0.36
C GLU B 166 -0.40 4.75 -1.54
N GLU B 167 -1.68 5.01 -1.31
CA GLU B 167 -2.66 4.93 -2.40
C GLU B 167 -2.31 5.94 -3.47
N GLY B 168 -1.86 7.13 -3.03
CA GLY B 168 -1.42 8.17 -3.93
C GLY B 168 -0.24 7.71 -4.72
N LEU B 169 0.74 7.11 -4.03
CA LEU B 169 1.99 6.70 -4.67
C LEU B 169 1.74 5.59 -5.69
N LEU B 170 0.83 4.70 -5.35
CA LEU B 170 0.48 3.59 -6.19
C LEU B 170 -0.27 4.05 -7.45
N GLN B 172 -0.09 6.95 -8.81
CA GLN B 172 0.91 7.59 -9.64
C GLN B 172 1.77 6.61 -10.47
N ALA B 173 2.28 5.55 -9.83
CA ALA B 173 3.06 4.51 -10.47
C ALA B 173 2.21 3.84 -11.55
N TRP B 174 0.94 3.60 -11.27
CA TRP B 174 0.07 3.01 -12.28
C TRP B 174 -0.01 3.98 -13.47
N THR B 175 -0.24 5.24 -13.16
CA THR B 175 -0.47 6.24 -14.21
C THR B 175 0.69 6.33 -15.16
N PHE B 176 1.90 6.45 -14.63
CA PHE B 176 3.04 6.64 -15.51
C PHE B 176 3.59 5.38 -16.13
N THR B 177 3.28 4.22 -15.55
CA THR B 177 3.86 2.96 -16.11
C THR B 177 2.86 2.21 -17.00
N GLN B 178 1.57 2.37 -16.73
CA GLN B 178 0.51 1.56 -17.38
C GLN B 178 -0.67 2.37 -17.89
N GLY B 179 -0.84 3.58 -17.40
CA GLY B 179 -2.08 4.31 -17.58
C GLY B 179 -2.06 5.39 -18.62
N ILE B 180 -1.06 5.41 -19.52
CA ILE B 180 -0.99 6.48 -20.54
C ILE B 180 -1.39 5.97 -21.92
N GLU B 181 -2.44 6.58 -22.48
CA GLU B 181 -2.84 6.34 -23.85
C GLU B 181 -2.47 7.56 -24.69
N GLN B 182 -1.41 7.45 -25.48
CA GLN B 182 -0.83 8.61 -26.17
C GLN B 182 -1.72 9.01 -27.34
N GLY B 183 -1.55 10.24 -27.81
CA GLY B 183 -2.39 10.71 -28.89
C GLY B 183 -1.58 11.13 -30.08
N TYR B 184 -2.28 11.72 -31.04
CA TYR B 184 -1.63 12.22 -32.24
C TYR B 184 -2.62 12.98 -33.13
N ILE B 185 -2.03 13.66 -34.10
CA ILE B 185 -2.73 14.20 -35.25
C ILE B 185 -2.16 13.47 -36.46
N GLN B 186 -3.00 12.73 -37.17
CA GLN B 186 -2.56 12.09 -38.40
C GLN B 186 -3.40 12.54 -39.60
N VAL B 187 -2.83 12.40 -40.80
CA VAL B 187 -3.54 12.74 -42.05
C VAL B 187 -3.95 11.44 -42.74
N GLU B 188 -5.21 11.31 -43.13
CA GLU B 188 -5.67 10.05 -43.72
C GLU B 188 -4.83 9.57 -44.94
N SER B 189 -4.87 8.27 -45.20
CA SER B 189 -4.01 7.62 -46.19
C SER B 189 -4.62 7.55 -47.58
N GLY C 11 9.51 0.84 19.69
CA GLY C 11 8.21 0.31 19.30
C GLY C 11 7.37 1.39 18.65
N PRO C 12 6.03 1.23 18.67
CA PRO C 12 5.18 2.17 17.91
C PRO C 12 4.93 3.49 18.65
N ALA C 13 4.45 4.50 17.93
CA ALA C 13 3.97 5.71 18.55
C ALA C 13 2.81 5.40 19.47
N ALA C 14 2.52 6.32 20.38
CA ALA C 14 1.30 6.24 21.15
C ALA C 14 0.07 6.54 20.24
N GLY C 15 -1.14 6.22 20.71
CA GLY C 15 -2.35 6.58 19.95
C GLY C 15 -2.69 5.51 18.93
N GLN C 16 -3.10 5.91 17.74
CA GLN C 16 -3.56 4.96 16.73
C GLN C 16 -2.44 4.18 16.06
N ALA C 17 -2.73 2.91 15.75
CA ALA C 17 -1.83 2.12 14.95
C ALA C 17 -1.62 2.82 13.61
N TYR C 18 -0.37 2.91 13.17
CA TYR C 18 -0.06 3.44 11.85
C TYR C 18 -0.40 2.44 10.75
N ASP C 19 -1.06 2.89 9.69
CA ASP C 19 -1.45 1.97 8.63
C ASP C 19 -0.39 2.05 7.53
N ALA C 20 0.44 1.02 7.44
CA ALA C 20 1.52 0.96 6.47
C ALA C 20 1.07 0.41 5.10
N GLY C 21 -0.23 0.13 4.95
CA GLY C 21 -0.77 -0.34 3.66
C GLY C 21 -0.14 -1.68 3.35
N ASN C 22 0.28 -1.88 2.11
CA ASN C 22 0.97 -3.12 1.73
C ASN C 22 2.49 -3.03 1.74
N LEU C 23 3.05 -1.99 2.36
CA LEU C 23 4.51 -1.79 2.35
C LEU C 23 5.23 -2.83 3.21
N ASP C 24 6.44 -3.21 2.80
CA ASP C 24 7.26 -4.11 3.56
C ASP C 24 8.16 -3.26 4.47
N VAL C 25 7.66 -2.97 5.66
CA VAL C 25 8.26 -1.99 6.54
C VAL C 25 9.67 -2.41 6.98
N ALA C 26 9.85 -3.70 7.27
CA ALA C 26 11.18 -4.21 7.65
C ALA C 26 12.23 -4.02 6.55
N SER C 27 11.78 -3.84 5.31
CA SER C 27 12.71 -3.63 4.22
C SER C 27 13.13 -2.15 4.06
N SER C 28 12.58 -1.25 4.88
CA SER C 28 12.87 0.19 4.72
C SER C 28 14.38 0.46 4.72
N PRO C 29 14.92 1.03 3.63
CA PRO C 29 16.36 1.36 3.66
C PRO C 29 16.75 2.32 4.80
N VAL C 30 15.86 3.22 5.16
CA VAL C 30 16.11 4.18 6.25
C VAL C 30 15.20 3.83 7.43
N LYS C 31 15.79 3.69 8.60
CA LYS C 31 15.02 3.28 9.76
C LYS C 31 15.33 4.25 10.87
N PRO C 32 14.64 5.42 10.90
CA PRO C 32 14.86 6.42 11.98
C PRO C 32 14.40 5.91 13.33
N THR C 33 15.10 6.37 14.36
CA THR C 33 14.63 6.27 15.74
C THR C 33 14.36 7.67 16.29
N LEU C 34 13.15 7.86 16.81
CA LEU C 34 12.78 9.09 17.45
C LEU C 34 12.71 8.77 18.92
N SER C 35 13.40 9.55 19.74
CA SER C 35 13.43 9.25 21.15
C SER C 35 13.20 10.49 21.99
N ILE C 36 12.51 10.31 23.10
CA ILE C 36 12.34 11.39 24.05
C ILE C 36 13.07 11.06 25.37
N THR C 37 13.66 12.09 25.96
CA THR C 37 14.32 12.05 27.26
C THR C 37 13.63 11.17 28.28
N LYS C 38 14.41 10.27 28.88
CA LYS C 38 13.94 9.53 30.06
C LYS C 38 14.65 10.13 31.25
N LYS C 39 13.95 10.98 31.97
CA LYS C 39 14.52 11.78 33.03
C LYS C 39 14.17 11.19 34.38
N THR C 40 15.18 10.94 35.19
CA THR C 40 14.98 10.65 36.61
C THR C 40 15.37 11.84 37.50
N LEU C 41 14.50 12.18 38.44
CA LEU C 41 14.73 13.26 39.40
C LEU C 41 14.77 12.72 40.84
N THR C 42 15.48 13.44 41.72
CA THR C 42 15.44 13.15 43.17
C THR C 42 14.11 13.64 43.73
N ALA C 43 13.64 12.99 44.79
CA ALA C 43 12.35 13.30 45.43
C ALA C 43 12.30 14.71 46.04
N ALA C 44 13.45 15.21 46.46
CA ALA C 44 13.61 16.56 46.99
C ALA C 44 13.43 17.61 45.89
N GLU C 45 14.13 17.39 44.78
CA GLU C 45 14.15 18.34 43.67
C GLU C 45 12.87 18.32 42.81
N ALA C 46 12.24 17.15 42.71
CA ALA C 46 11.11 16.92 41.80
C ALA C 46 9.95 17.95 41.80
N PRO C 47 9.36 18.26 42.98
CA PRO C 47 8.19 19.12 43.00
C PRO C 47 8.42 20.52 42.41
N ASN C 48 7.60 20.87 41.43
CA ASN C 48 7.72 22.12 40.69
C ASN C 48 8.97 22.25 39.81
N ALA C 49 9.69 21.15 39.63
CA ALA C 49 10.92 21.17 38.84
C ALA C 49 10.57 21.47 37.38
N LYS C 50 11.28 22.44 36.80
CA LYS C 50 11.17 22.76 35.36
C LYS C 50 12.22 21.95 34.60
N VAL C 51 11.79 20.90 33.90
CA VAL C 51 12.71 19.92 33.28
C VAL C 51 12.84 20.17 31.75
N THR C 52 14.07 20.29 31.26
CA THR C 52 14.29 20.33 29.82
C THR C 52 14.22 18.94 29.22
N GLU C 54 14.03 16.61 25.45
CA GLU C 54 14.50 16.65 24.07
C GLU C 54 13.88 15.53 23.27
N LEU C 55 13.41 15.85 22.08
CA LEU C 55 13.06 14.85 21.11
C LEU C 55 14.24 14.76 20.13
N SER C 56 14.82 13.57 20.05
CA SER C 56 16.00 13.30 19.22
C SER C 56 15.75 12.36 18.05
N VAL C 57 16.60 12.47 17.04
CA VAL C 57 16.52 11.68 15.84
C VAL C 57 17.87 10.98 15.68
N GLU C 58 17.84 9.67 15.46
CA GLU C 58 19.00 8.92 15.05
C GLU C 58 18.74 8.07 13.82
N GLY C 59 19.77 7.84 13.03
CA GLY C 59 19.67 6.95 11.88
C GLY C 59 18.97 7.50 10.66
N ALA C 60 18.84 8.81 10.54
CA ALA C 60 18.14 9.40 9.37
C ALA C 60 18.86 10.60 8.73
N ALA C 61 20.12 10.86 9.10
CA ALA C 61 20.85 12.04 8.62
C ALA C 61 20.86 12.08 7.09
N ASP C 62 20.52 13.25 6.53
CA ASP C 62 20.46 13.49 5.07
C ASP C 62 19.40 12.67 4.32
N LYS C 63 18.39 12.17 5.04
CA LYS C 63 17.37 11.32 4.42
C LYS C 63 15.94 11.85 4.65
N TYR C 64 15.79 12.89 5.47
CA TYR C 64 14.47 13.45 5.73
C TYR C 64 14.40 14.97 5.68
N ALA C 65 13.18 15.50 5.64
CA ALA C 65 12.96 16.94 5.70
C ALA C 65 11.61 17.31 6.33
N ALA C 66 10.57 16.59 5.95
CA ALA C 66 9.22 16.94 6.30
C ALA C 66 8.80 16.09 7.46
N THR C 67 8.45 16.77 8.56
CA THR C 67 8.04 16.12 9.79
C THR C 67 6.84 16.84 10.33
N GLY C 68 5.98 16.06 10.99
CA GLY C 68 4.85 16.58 11.74
C GLY C 68 4.79 15.67 12.96
N LEU C 69 5.07 16.22 14.13
CA LEU C 69 5.20 15.34 15.30
C LEU C 69 4.42 15.96 16.46
N HIS C 70 3.43 15.21 16.94
CA HIS C 70 2.65 15.60 18.14
C HIS C 70 3.29 14.94 19.34
N ILE C 71 3.59 15.75 20.34
CA ILE C 71 4.16 15.30 21.61
C ILE C 71 3.06 15.54 22.63
N GLN C 72 2.66 14.45 23.31
CA GLN C 72 1.65 14.53 24.37
C GLN C 72 2.30 14.05 25.65
N PHE C 73 1.83 14.58 26.75
CA PHE C 73 2.42 14.32 28.02
C PHE C 73 1.34 14.15 29.07
N ASP C 74 1.72 13.53 30.18
CA ASP C 74 0.84 13.38 31.35
C ASP C 74 0.19 14.71 31.70
N PRO C 75 -1.18 14.77 31.73
CA PRO C 75 -1.91 16.01 32.04
C PRO C 75 -1.46 16.74 33.31
N LYS C 76 -0.89 16.03 34.29
CA LYS C 76 -0.34 16.65 35.49
C LYS C 76 0.88 17.54 35.22
N LEU C 77 1.60 17.28 34.12
CA LEU C 77 2.73 18.15 33.72
C LEU C 77 2.21 19.42 33.04
N LYS C 78 3.00 20.49 33.06
CA LYS C 78 2.68 21.70 32.33
C LYS C 78 3.82 22.06 31.35
N LEU C 79 3.46 22.35 30.10
CA LEU C 79 4.42 22.89 29.14
C LEU C 79 4.72 24.35 29.50
N ILE C 80 6.01 24.68 29.66
CA ILE C 80 6.42 26.04 30.00
C ILE C 80 6.99 26.80 28.78
N PRO C 81 6.25 27.76 28.23
CA PRO C 81 6.83 28.51 27.12
C PRO C 81 8.07 29.29 27.59
N ASP C 82 9.03 29.51 26.69
CA ASP C 82 10.24 30.23 27.08
C ASP C 82 10.01 31.74 27.16
N GLU C 83 11.09 32.48 27.40
CA GLU C 83 10.97 33.91 27.62
C GLU C 83 10.44 34.66 26.39
N ASP C 84 10.54 34.05 25.20
CA ASP C 84 9.99 34.62 23.95
C ASP C 84 8.58 34.11 23.66
N GLY C 85 8.09 33.22 24.50
CA GLY C 85 6.79 32.61 24.29
C GLY C 85 6.85 31.38 23.41
N ALA C 86 8.04 30.92 23.05
CA ALA C 86 8.09 29.73 22.21
C ALA C 86 7.79 28.46 23.03
N LEU C 87 7.00 27.56 22.45
CA LEU C 87 6.66 26.28 23.13
C LEU C 87 7.82 25.28 23.12
N ALA C 88 8.63 25.36 22.08
CA ALA C 88 9.76 24.46 21.95
C ALA C 88 10.80 25.17 21.09
N THR C 89 12.07 24.78 21.18
CA THR C 89 13.07 25.35 20.26
C THR C 89 13.83 24.28 19.47
N ALA C 90 14.00 24.51 18.17
CA ALA C 90 14.62 23.51 17.31
C ALA C 90 16.07 23.32 17.76
N GLY C 91 16.59 22.10 17.69
CA GLY C 91 17.99 21.81 18.06
C GLY C 91 18.86 21.54 16.82
N ARG C 92 20.03 20.95 17.04
CA ARG C 92 21.00 20.70 15.98
C ARG C 92 20.51 19.82 14.85
N ALA C 93 19.66 18.85 15.13
CA ALA C 93 19.16 17.98 14.06
C ALA C 93 18.42 18.78 12.98
N ALA C 94 17.83 19.90 13.39
CA ALA C 94 16.99 20.70 12.50
C ALA C 94 17.71 21.93 11.92
N ARG C 95 19.02 22.01 12.13
CA ARG C 95 19.77 23.26 11.86
C ARG C 95 19.70 23.71 10.40
N LEU C 96 19.56 22.78 9.46
CA LEU C 96 19.52 23.12 8.04
C LEU C 96 18.11 23.17 7.48
N LEU C 97 17.14 22.63 8.24
CA LEU C 97 15.76 22.63 7.74
C LEU C 97 15.24 24.06 7.59
N GLU C 98 14.57 24.31 6.47
CA GLU C 98 14.18 25.70 6.16
C GLU C 98 12.95 26.15 6.91
N LEU C 99 12.05 25.20 7.20
CA LEU C 99 10.80 25.52 7.89
C LEU C 99 10.80 24.76 9.21
N LYS C 100 10.55 25.46 10.31
CA LYS C 100 10.51 24.83 11.66
C LYS C 100 9.49 25.59 12.47
N LYS C 101 8.50 24.88 13.04
CA LYS C 101 7.44 25.57 13.78
C LYS C 101 6.98 24.69 14.94
N ALA C 102 6.71 25.32 16.09
CA ALA C 102 6.09 24.62 17.22
C ALA C 102 4.84 25.42 17.64
N GLU C 103 3.70 24.74 17.80
CA GLU C 103 2.46 25.44 18.11
C GLU C 103 1.58 24.65 19.07
N ALA C 104 0.65 25.36 19.70
CA ALA C 104 -0.32 24.73 20.62
C ALA C 104 -1.15 23.66 19.90
N ASP C 105 -1.51 22.64 20.67
CA ASP C 105 -2.39 21.59 20.17
C ASP C 105 -3.54 21.41 21.17
N THR C 106 -3.29 20.68 22.24
CA THR C 106 -4.27 20.56 23.33
C THR C 106 -3.66 20.97 24.67
N ASP C 107 -4.45 20.83 25.72
CA ASP C 107 -3.97 21.09 27.08
C ASP C 107 -2.73 20.26 27.46
N ASN C 108 -2.59 19.09 26.85
CA ASN C 108 -1.46 18.23 27.21
C ASN C 108 -0.68 17.71 26.00
N SER C 109 -0.58 18.55 24.97
CA SER C 109 0.16 18.19 23.72
C SER C 109 0.49 19.44 22.92
N PHE C 110 1.54 19.34 22.11
CA PHE C 110 1.82 20.39 21.16
C PHE C 110 2.22 19.77 19.83
N PHE C 111 2.17 20.57 18.78
CA PHE C 111 2.54 20.11 17.47
C PHE C 111 3.85 20.77 16.99
N THR C 112 4.74 19.96 16.42
CA THR C 112 5.93 20.47 15.74
C THR C 112 5.93 20.09 14.29
N ALA C 113 6.55 20.92 13.45
CA ALA C 113 6.62 20.59 12.04
C ALA C 113 7.90 21.16 11.46
N THR C 114 8.44 20.47 10.47
CA THR C 114 9.60 20.96 9.71
C THR C 114 9.36 20.72 8.23
N GLY C 115 10.12 21.41 7.40
CA GLY C 115 10.03 21.26 5.96
C GLY C 115 11.34 21.77 5.41
N SER C 116 11.64 21.42 4.16
CA SER C 116 12.88 21.90 3.55
C SER C 116 12.75 21.56 2.09
N SER C 117 13.58 22.20 1.28
CA SER C 117 13.56 22.00 -0.16
C SER C 117 14.48 20.85 -0.58
N THR C 118 15.32 20.40 0.33
CA THR C 118 16.13 19.19 0.13
C THR C 118 16.14 18.33 1.40
N ASN C 119 16.66 17.11 1.30
CA ASN C 119 16.66 16.24 2.51
C ASN C 119 17.87 16.53 3.42
N ASN C 120 17.81 17.67 4.11
CA ASN C 120 18.96 18.11 4.88
C ASN C 120 18.68 18.07 6.37
N GLY C 121 17.71 17.26 6.78
CA GLY C 121 17.59 16.89 8.20
C GLY C 121 18.83 16.14 8.66
N LYS C 122 19.17 16.31 9.93
CA LYS C 122 20.33 15.66 10.50
C LYS C 122 19.94 14.82 11.72
N ASP C 123 20.90 14.06 12.27
CA ASP C 123 20.65 13.38 13.55
C ASP C 123 20.92 14.33 14.71
N GLY C 124 20.37 14.00 15.87
CA GLY C 124 20.59 14.82 17.07
C GLY C 124 19.29 15.29 17.64
N VAL C 125 19.36 16.34 18.45
CA VAL C 125 18.17 16.94 19.04
C VAL C 125 17.38 17.71 18.00
N LEU C 126 16.14 17.27 17.80
CA LEU C 126 15.24 17.97 16.90
C LEU C 126 14.53 19.12 17.60
N TRP C 127 13.98 18.85 18.79
CA TRP C 127 13.26 19.90 19.53
C TRP C 127 13.60 19.77 20.99
N SER C 128 13.75 20.92 21.68
CA SER C 128 13.84 20.87 23.12
C SER C 128 12.72 21.70 23.71
N PHE C 129 12.27 21.32 24.89
CA PHE C 129 11.09 21.98 25.46
C PHE C 129 11.10 21.75 26.98
N VAL C 130 10.27 22.49 27.70
CA VAL C 130 10.33 22.46 29.16
C VAL C 130 8.98 22.02 29.72
N LEU C 131 8.99 20.94 30.51
CA LEU C 131 7.79 20.48 31.20
C LEU C 131 7.99 20.67 32.70
N GLN C 132 7.01 21.29 33.36
CA GLN C 132 7.09 21.54 34.81
C GLN C 132 6.35 20.45 35.58
N VAL C 133 7.06 19.85 36.52
CA VAL C 133 6.57 18.72 37.32
C VAL C 133 5.62 19.29 38.40
N PRO C 134 4.51 18.58 38.69
CA PRO C 134 3.52 19.23 39.59
C PRO C 134 4.03 19.34 41.04
N ALA C 135 3.43 20.26 41.80
CA ALA C 135 3.79 20.39 43.23
C ALA C 135 3.53 19.10 44.05
N ASP C 136 2.58 18.27 43.60
CA ASP C 136 2.23 17.02 44.31
C ASP C 136 3.12 15.79 44.03
N ALA C 137 4.27 16.01 43.40
CA ALA C 137 5.15 14.91 42.98
C ALA C 137 5.78 14.12 44.13
N GLN C 138 5.48 12.82 44.18
CA GLN C 138 5.97 11.94 45.24
C GLN C 138 6.90 10.87 44.64
N PRO C 139 7.76 10.23 45.47
CA PRO C 139 8.70 9.21 44.95
C PRO C 139 8.00 8.09 44.18
N GLY C 140 8.66 7.57 43.14
CA GLY C 140 8.09 6.52 42.30
C GLY C 140 7.05 6.95 41.26
N ASP C 141 6.62 8.21 41.32
CA ASP C 141 5.73 8.82 40.31
C ASP C 141 6.42 8.91 38.94
N LYS C 142 5.69 8.58 37.88
CA LYS C 142 6.19 8.55 36.51
C LYS C 142 5.20 9.23 35.55
N TYR C 143 5.66 10.25 34.82
CA TYR C 143 4.81 11.01 33.91
C TYR C 143 5.29 10.77 32.49
N ASP C 144 4.46 10.17 31.63
CA ASP C 144 4.88 9.80 30.27
C ASP C 144 4.98 11.04 29.42
N VAL C 145 5.92 11.03 28.48
CA VAL C 145 6.07 12.08 27.47
C VAL C 145 6.33 11.37 26.15
N GLN C 146 5.39 11.53 25.21
CA GLN C 146 5.28 10.59 24.12
C GLN C 146 5.09 11.22 22.75
N VAL C 147 5.63 10.59 21.72
CA VAL C 147 5.25 10.88 20.35
C VAL C 147 3.93 10.09 20.09
N ALA C 148 2.92 10.81 19.60
CA ALA C 148 1.58 10.20 19.35
C ALA C 148 1.18 10.31 17.90
N TYR C 149 0.49 9.28 17.39
CA TYR C 149 0.04 9.20 16.03
C TYR C 149 -1.48 9.12 15.92
N GLN C 150 -2.05 9.86 14.98
CA GLN C 150 -3.42 9.59 14.51
C GLN C 150 -3.61 10.06 13.09
N SER C 151 -4.59 9.49 12.40
CA SER C 151 -4.83 9.92 11.04
C SER C 151 -5.54 11.25 11.14
N ARG C 152 -5.12 12.20 10.30
CA ARG C 152 -5.59 13.57 10.42
C ARG C 152 -5.71 14.10 9.01
N THR C 153 -6.51 15.15 8.85
CA THR C 153 -6.60 15.88 7.58
C THR C 153 -5.75 17.13 7.56
N THR C 154 -5.48 17.70 8.72
CA THR C 154 -4.52 18.80 8.81
C THR C 154 -3.51 18.51 9.92
N ASN C 155 -2.38 19.20 9.88
CA ASN C 155 -1.28 18.97 10.85
C ASN C 155 -0.98 17.48 10.98
N GLU C 156 -0.85 16.80 9.83
CA GLU C 156 -0.61 15.37 9.79
C GLU C 156 0.69 14.97 10.45
N ASP C 157 0.71 13.75 10.98
CA ASP C 157 1.89 13.13 11.56
C ASP C 157 2.69 12.53 10.44
N LEU C 158 3.92 13.04 10.28
CA LEU C 158 4.77 12.74 9.19
C LEU C 158 6.20 12.63 9.68
N PHE C 159 6.96 11.77 9.02
CA PHE C 159 8.40 11.77 9.10
C PHE C 159 8.95 11.23 7.79
N THR C 160 9.23 12.15 6.86
CA THR C 160 9.40 11.77 5.47
C THR C 160 10.37 12.68 4.71
N ASN C 161 10.56 12.37 3.43
CA ASN C 161 11.50 13.14 2.64
C ASN C 161 10.75 14.13 1.74
N VAL C 162 11.49 14.97 1.01
CA VAL C 162 10.91 16.04 0.19
CA VAL C 162 10.84 16.03 0.25
C VAL C 162 9.94 15.48 -0.87
N LYS C 163 10.37 14.41 -1.55
CA LYS C 163 9.52 13.83 -2.62
C LYS C 163 8.34 13.00 -2.13
N LYS C 164 8.39 12.51 -0.89
CA LYS C 164 7.45 11.46 -0.42
C LYS C 164 7.35 10.29 -1.40
N ASP C 165 8.51 9.78 -1.81
CA ASP C 165 8.56 8.63 -2.68
C ASP C 165 8.49 7.32 -1.85
N GLU C 166 8.84 6.19 -2.48
CA GLU C 166 8.75 4.90 -1.80
C GLU C 166 9.66 4.91 -0.56
N GLU C 167 10.90 5.37 -0.72
CA GLU C 167 11.82 5.45 0.41
C GLU C 167 11.24 6.29 1.53
N GLY C 168 10.67 7.46 1.18
CA GLY C 168 10.04 8.32 2.18
C GLY C 168 8.86 7.71 2.88
N LEU C 169 8.00 7.00 2.15
CA LEU C 169 6.87 6.31 2.79
C LEU C 169 7.34 5.16 3.67
N LEU C 170 8.35 4.41 3.22
CA LEU C 170 8.89 3.34 4.04
C LEU C 170 9.56 3.84 5.34
N GLN C 172 8.87 6.56 6.96
CA GLN C 172 7.80 7.04 7.81
C GLN C 172 7.06 5.87 8.52
N ALA C 173 6.77 4.81 7.77
CA ALA C 173 6.08 3.66 8.34
C ALA C 173 7.00 3.04 9.41
N TRP C 174 8.30 2.89 9.11
CA TRP C 174 9.26 2.39 10.11
C TRP C 174 9.17 3.22 11.40
N THR C 175 9.25 4.54 11.22
CA THR C 175 9.29 5.45 12.36
C THR C 175 8.12 5.29 13.31
N PHE C 176 6.91 5.32 12.77
CA PHE C 176 5.73 5.31 13.64
C PHE C 176 5.33 3.90 14.08
N THR C 177 5.84 2.88 13.42
CA THR C 177 5.48 1.52 13.86
C THR C 177 6.55 0.86 14.72
N GLN C 178 7.82 1.24 14.55
CA GLN C 178 8.93 0.48 15.15
C GLN C 178 10.00 1.40 15.76
N GLY C 179 9.90 2.69 15.45
CA GLY C 179 11.03 3.59 15.68
C GLY C 179 10.88 4.61 16.77
N ILE C 180 9.90 4.43 17.63
CA ILE C 180 9.69 5.41 18.70
C ILE C 180 10.21 4.89 20.04
N GLU C 181 11.08 5.67 20.70
CA GLU C 181 11.47 5.43 22.08
CA GLU C 181 11.48 5.43 22.08
C GLU C 181 10.83 6.50 22.98
N GLN C 182 9.75 6.12 23.67
CA GLN C 182 9.03 7.08 24.50
C GLN C 182 9.88 7.48 25.71
N GLY C 183 9.59 8.66 26.23
CA GLY C 183 10.33 9.21 27.35
C GLY C 183 9.36 9.42 28.50
N TYR C 184 9.86 10.05 29.55
CA TYR C 184 9.08 10.31 30.75
C TYR C 184 9.95 11.10 31.69
N ILE C 185 9.29 11.68 32.69
CA ILE C 185 9.96 12.19 33.87
C ILE C 185 9.52 11.27 35.00
N GLN C 186 10.48 10.74 35.76
CA GLN C 186 10.10 10.01 36.94
C GLN C 186 10.92 10.36 38.18
N VAL C 187 10.24 10.37 39.32
CA VAL C 187 10.85 10.61 40.61
C VAL C 187 11.35 9.28 41.19
N GLU C 188 12.62 9.23 41.56
CA GLU C 188 13.21 8.00 42.10
C GLU C 188 12.55 7.62 43.43
N SER C 189 12.56 6.32 43.72
CA SER C 189 11.95 5.83 44.95
C SER C 189 13.00 5.44 46.00
N GLY D 11 -5.81 2.03 24.12
CA GLY D 11 -5.82 3.27 23.36
C GLY D 11 -6.92 3.22 22.31
N PRO D 12 -6.78 3.99 21.23
CA PRO D 12 -7.86 4.08 20.23
C PRO D 12 -7.89 2.97 19.20
N ALA D 13 -9.04 2.78 18.56
CA ALA D 13 -9.10 1.82 17.44
C ALA D 13 -8.16 2.25 16.32
N ALA D 14 -7.76 1.30 15.47
CA ALA D 14 -7.15 1.64 14.19
C ALA D 14 -8.12 2.34 13.21
N GLY D 15 -7.57 2.87 12.12
CA GLY D 15 -8.37 3.41 11.02
C GLY D 15 -8.55 4.91 11.14
N GLN D 16 -9.78 5.35 11.21
CA GLN D 16 -10.13 6.71 11.50
C GLN D 16 -10.16 7.09 12.99
N ALA D 17 -9.85 8.34 13.30
CA ALA D 17 -9.98 8.80 14.67
C ALA D 17 -11.47 9.01 14.95
N TYR D 18 -11.89 8.61 16.14
CA TYR D 18 -13.27 8.72 16.53
C TYR D 18 -13.52 10.14 16.99
N ASP D 19 -14.51 10.78 16.39
CA ASP D 19 -14.79 12.15 16.79
C ASP D 19 -15.78 12.15 17.92
N ALA D 20 -15.28 12.45 19.11
CA ALA D 20 -16.13 12.47 20.32
C ALA D 20 -16.77 13.83 20.56
N GLY D 21 -16.63 14.76 19.60
CA GLY D 21 -17.27 16.07 19.69
C GLY D 21 -16.83 16.76 20.97
N ASN D 22 -17.82 17.25 21.73
CA ASN D 22 -17.63 17.97 22.98
C ASN D 22 -17.91 17.11 24.21
N LEU D 23 -18.04 15.80 24.02
CA LEU D 23 -18.32 14.93 25.17
C LEU D 23 -17.15 14.83 26.12
N ASP D 24 -17.46 14.84 27.40
CA ASP D 24 -16.49 14.60 28.43
C ASP D 24 -16.26 13.09 28.58
N VAL D 25 -15.47 12.52 27.68
CA VAL D 25 -15.31 11.07 27.60
C VAL D 25 -14.81 10.50 28.94
N ALA D 26 -13.88 11.20 29.58
CA ALA D 26 -13.31 10.75 30.87
C ALA D 26 -14.36 10.57 31.94
N SER D 27 -15.50 11.25 31.80
CA SER D 27 -16.58 11.12 32.77
C SER D 27 -17.52 9.93 32.46
N SER D 28 -17.22 9.18 31.40
CA SER D 28 -18.14 8.10 31.00
C SER D 28 -18.36 7.16 32.18
N PRO D 29 -19.62 7.00 32.60
CA PRO D 29 -20.00 6.07 33.66
C PRO D 29 -19.55 4.62 33.38
N VAL D 30 -19.57 4.20 32.12
CA VAL D 30 -19.17 2.83 31.73
C VAL D 30 -17.95 2.95 30.83
N LYS D 31 -16.86 2.29 31.20
CA LYS D 31 -15.64 2.38 30.37
C LYS D 31 -15.21 1.00 29.90
N PRO D 32 -15.77 0.53 28.76
CA PRO D 32 -15.44 -0.80 28.29
C PRO D 32 -14.02 -0.95 27.77
N THR D 33 -13.48 -2.17 27.89
CA THR D 33 -12.22 -2.53 27.27
C THR D 33 -12.47 -3.67 26.31
N LEU D 34 -12.18 -3.43 25.03
CA LEU D 34 -12.18 -4.49 24.02
C LEU D 34 -10.75 -4.93 23.76
N SER D 35 -10.54 -6.24 23.85
CA SER D 35 -9.21 -6.86 23.81
C SER D 35 -9.24 -7.96 22.79
N ILE D 36 -8.20 -8.00 21.96
CA ILE D 36 -7.99 -9.10 21.05
C ILE D 36 -6.74 -9.89 21.54
N THR D 37 -6.79 -11.21 21.37
CA THR D 37 -5.73 -12.15 21.78
C THR D 37 -4.35 -11.71 21.35
N LYS D 38 -3.40 -11.81 22.28
CA LYS D 38 -1.99 -11.65 21.97
C LYS D 38 -1.32 -13.03 21.99
N LYS D 39 -1.13 -13.62 20.81
CA LYS D 39 -0.60 -14.98 20.71
C LYS D 39 0.87 -14.99 20.35
N THR D 40 1.65 -15.79 21.07
CA THR D 40 3.05 -16.04 20.75
C THR D 40 3.28 -17.52 20.37
N LEU D 41 3.75 -17.76 19.15
CA LEU D 41 4.08 -19.11 18.70
C LEU D 41 5.60 -19.35 18.63
N THR D 42 5.99 -20.63 18.67
CA THR D 42 7.37 -21.02 18.49
C THR D 42 7.65 -20.94 17.01
N ALA D 43 8.92 -20.78 16.62
CA ALA D 43 9.31 -20.74 15.21
C ALA D 43 8.94 -22.03 14.48
N ALA D 44 8.94 -23.13 15.23
CA ALA D 44 8.64 -24.44 14.70
C ALA D 44 7.14 -24.61 14.45
N GLU D 45 6.30 -24.21 15.42
CA GLU D 45 4.85 -24.42 15.28
C GLU D 45 4.18 -23.44 14.34
N ALA D 46 4.80 -22.27 14.19
CA ALA D 46 4.19 -21.10 13.53
C ALA D 46 3.72 -21.28 12.08
N PRO D 47 4.58 -21.77 11.17
CA PRO D 47 4.14 -21.78 9.76
C PRO D 47 2.87 -22.61 9.57
N ASN D 48 1.94 -22.06 8.80
CA ASN D 48 0.61 -22.66 8.55
C ASN D 48 -0.27 -22.87 9.80
N ALA D 49 0.19 -22.42 10.96
CA ALA D 49 -0.57 -22.57 12.20
C ALA D 49 -1.95 -21.93 12.07
N LYS D 50 -2.97 -22.68 12.48
CA LYS D 50 -4.31 -22.14 12.55
C LYS D 50 -4.55 -21.71 13.99
N VAL D 51 -4.73 -20.39 14.20
CA VAL D 51 -4.77 -19.84 15.57
C VAL D 51 -6.17 -19.32 15.95
N THR D 52 -6.68 -19.81 17.08
CA THR D 52 -7.96 -19.33 17.58
C THR D 52 -7.75 -17.98 18.24
N GLU D 54 -9.64 -14.41 19.93
CA GLU D 54 -10.86 -13.98 20.61
C GLU D 54 -10.90 -12.47 20.70
N LEU D 55 -12.08 -11.90 20.43
CA LEU D 55 -12.37 -10.53 20.80
C LEU D 55 -13.17 -10.53 22.12
N SER D 56 -12.61 -9.94 23.17
CA SER D 56 -13.27 -9.91 24.50
C SER D 56 -13.67 -8.53 25.01
N VAL D 57 -14.65 -8.54 25.91
CA VAL D 57 -15.23 -7.38 26.55
C VAL D 57 -15.00 -7.41 28.07
N GLU D 58 -14.54 -6.29 28.63
CA GLU D 58 -14.49 -6.12 30.08
C GLU D 58 -15.05 -4.80 30.51
N GLY D 59 -15.72 -4.82 31.65
CA GLY D 59 -16.19 -3.58 32.25
C GLY D 59 -17.50 -3.03 31.70
N ALA D 60 -18.25 -3.86 30.97
CA ALA D 60 -19.52 -3.39 30.37
C ALA D 60 -20.74 -4.29 30.64
N ALA D 61 -20.62 -5.27 31.54
CA ALA D 61 -21.68 -6.27 31.71
C ALA D 61 -22.98 -5.56 32.11
N ASP D 62 -24.07 -5.95 31.48
CA ASP D 62 -25.40 -5.36 31.73
C ASP D 62 -25.57 -3.89 31.34
N LYS D 63 -24.64 -3.39 30.50
CA LYS D 63 -24.63 -1.96 30.12
C LYS D 63 -24.72 -1.70 28.62
N TYR D 64 -24.66 -2.77 27.81
CA TYR D 64 -24.57 -2.65 26.34
C TYR D 64 -25.45 -3.69 25.64
N ALA D 65 -25.71 -3.46 24.36
CA ALA D 65 -26.47 -4.38 23.51
C ALA D 65 -26.06 -4.25 22.05
N ALA D 66 -26.01 -2.99 21.60
CA ALA D 66 -25.82 -2.72 20.18
C ALA D 66 -24.33 -2.55 19.90
N THR D 67 -23.80 -3.44 19.06
CA THR D 67 -22.38 -3.32 18.66
C THR D 67 -22.21 -3.53 17.18
N GLY D 68 -21.17 -2.92 16.65
CA GLY D 68 -20.78 -3.13 15.27
C GLY D 68 -19.29 -2.96 15.33
N LEU D 69 -18.57 -4.06 15.09
CA LEU D 69 -17.11 -4.03 15.26
C LEU D 69 -16.44 -4.64 14.05
N HIS D 70 -15.59 -3.84 13.40
CA HIS D 70 -14.78 -4.34 12.31
C HIS D 70 -13.43 -4.81 12.85
N ILE D 71 -13.08 -6.03 12.47
CA ILE D 71 -11.79 -6.61 12.82
C ILE D 71 -10.98 -6.74 11.55
N GLN D 72 -9.79 -6.16 11.56
CA GLN D 72 -8.89 -6.25 10.44
C GLN D 72 -7.57 -6.90 10.93
N PHE D 73 -6.83 -7.48 10.00
CA PHE D 73 -5.64 -8.24 10.35
C PHE D 73 -4.59 -8.16 9.25
N ASP D 74 -3.33 -8.43 9.61
CA ASP D 74 -2.24 -8.44 8.63
C ASP D 74 -2.66 -9.28 7.42
N PRO D 75 -2.59 -8.69 6.19
CA PRO D 75 -3.08 -9.37 4.99
C PRO D 75 -2.34 -10.67 4.69
N LYS D 76 -1.23 -10.92 5.39
CA LYS D 76 -0.51 -12.20 5.21
C LYS D 76 -1.21 -13.33 5.98
N LEU D 77 -2.02 -12.96 6.98
CA LEU D 77 -2.88 -13.95 7.67
C LEU D 77 -4.08 -14.30 6.81
N LYS D 78 -4.65 -15.49 7.05
CA LYS D 78 -5.84 -15.92 6.35
C LYS D 78 -6.97 -16.27 7.35
N LEU D 79 -8.15 -15.67 7.18
CA LEU D 79 -9.34 -16.01 7.96
C LEU D 79 -9.94 -17.32 7.48
N ILE D 80 -10.07 -18.29 8.40
CA ILE D 80 -10.58 -19.60 8.09
C ILE D 80 -12.04 -19.79 8.53
N PRO D 81 -12.99 -19.79 7.58
CA PRO D 81 -14.38 -20.06 7.99
C PRO D 81 -14.47 -21.45 8.62
N ASP D 82 -15.37 -21.65 9.59
CA ASP D 82 -15.55 -22.99 10.16
C ASP D 82 -16.29 -23.93 9.20
N GLU D 83 -16.57 -25.15 9.64
CA GLU D 83 -17.30 -26.14 8.86
C GLU D 83 -18.63 -25.70 8.33
N ASP D 84 -19.27 -24.78 9.03
CA ASP D 84 -20.56 -24.24 8.56
C ASP D 84 -20.39 -23.02 7.66
N GLY D 85 -19.14 -22.61 7.45
CA GLY D 85 -18.88 -21.39 6.68
C GLY D 85 -19.00 -20.12 7.53
N ALA D 86 -19.18 -20.26 8.86
CA ALA D 86 -19.20 -19.06 9.72
C ALA D 86 -17.81 -18.46 9.84
N LEU D 87 -17.73 -17.13 9.72
CA LEU D 87 -16.45 -16.44 9.85
C LEU D 87 -16.01 -16.27 11.29
N ALA D 88 -16.97 -16.17 12.20
CA ALA D 88 -16.67 -16.10 13.62
C ALA D 88 -17.87 -16.68 14.38
N THR D 89 -17.65 -17.09 15.62
CA THR D 89 -18.71 -17.63 16.48
C THR D 89 -18.80 -16.81 17.74
N ALA D 90 -20.02 -16.44 18.13
CA ALA D 90 -20.24 -15.66 19.34
C ALA D 90 -19.87 -16.46 20.58
N GLY D 91 -19.29 -15.78 21.57
CA GLY D 91 -18.96 -16.43 22.83
C GLY D 91 -19.86 -16.04 23.98
N ARG D 92 -19.40 -16.35 25.20
CA ARG D 92 -20.20 -16.14 26.40
C ARG D 92 -20.68 -14.71 26.62
N ALA D 93 -19.87 -13.70 26.27
CA ALA D 93 -20.27 -12.30 26.48
C ALA D 93 -21.56 -11.99 25.73
N ALA D 94 -21.77 -12.67 24.61
CA ALA D 94 -22.90 -12.42 23.74
C ALA D 94 -24.06 -13.40 23.92
N ARG D 95 -24.06 -14.20 24.99
CA ARG D 95 -25.01 -15.35 25.08
C ARG D 95 -26.46 -14.94 25.18
N LEU D 96 -26.72 -13.75 25.72
CA LEU D 96 -28.11 -13.26 25.91
C LEU D 96 -28.58 -12.31 24.82
N LEU D 97 -27.64 -11.81 24.01
CA LEU D 97 -27.99 -10.84 22.97
C LEU D 97 -28.83 -11.53 21.94
N GLU D 98 -29.85 -10.84 21.49
CA GLU D 98 -30.86 -11.43 20.60
C GLU D 98 -30.39 -11.52 19.16
N LEU D 99 -29.60 -10.55 18.73
CA LEU D 99 -29.12 -10.49 17.36
C LEU D 99 -27.61 -10.59 17.36
N LYS D 100 -27.05 -11.44 16.50
CA LYS D 100 -25.60 -11.63 16.44
C LYS D 100 -25.28 -12.07 15.04
N LYS D 101 -24.35 -11.39 14.38
CA LYS D 101 -23.94 -11.83 13.03
C LYS D 101 -22.52 -11.42 12.70
N ALA D 102 -21.83 -12.28 11.97
CA ALA D 102 -20.47 -12.03 11.47
C ALA D 102 -20.53 -12.12 9.97
N GLU D 103 -20.03 -11.11 9.28
CA GLU D 103 -20.07 -11.13 7.84
C GLU D 103 -18.79 -10.65 7.19
N ALA D 104 -18.64 -10.98 5.91
CA ALA D 104 -17.44 -10.61 5.18
C ALA D 104 -17.42 -9.08 5.02
N ASP D 105 -16.22 -8.52 4.96
CA ASP D 105 -16.04 -7.08 4.76
C ASP D 105 -15.01 -6.87 3.63
N THR D 106 -13.71 -6.93 3.95
CA THR D 106 -12.66 -6.90 2.91
C THR D 106 -11.79 -8.15 2.95
N ASP D 107 -10.81 -8.25 2.04
CA ASP D 107 -9.93 -9.43 1.98
C ASP D 107 -9.20 -9.66 3.29
N ASN D 108 -8.97 -8.58 4.04
CA ASN D 108 -8.26 -8.68 5.30
C ASN D 108 -9.08 -8.12 6.47
N SER D 109 -10.41 -8.19 6.36
CA SER D 109 -11.27 -7.78 7.47
C SER D 109 -12.64 -8.45 7.44
N PHE D 110 -13.30 -8.45 8.59
CA PHE D 110 -14.69 -8.90 8.69
C PHE D 110 -15.46 -8.01 9.66
N PHE D 111 -16.79 -8.07 9.56
CA PHE D 111 -17.68 -7.23 10.34
C PHE D 111 -18.53 -8.08 11.29
N THR D 112 -18.57 -7.70 12.56
CA THR D 112 -19.49 -8.34 13.51
C THR D 112 -20.50 -7.32 14.05
N ALA D 113 -21.69 -7.80 14.42
CA ALA D 113 -22.70 -6.93 14.95
C ALA D 113 -23.59 -7.69 15.93
N THR D 114 -24.07 -6.98 16.95
CA THR D 114 -25.04 -7.55 17.91
C THR D 114 -26.11 -6.52 18.18
N GLY D 115 -27.22 -7.00 18.72
CA GLY D 115 -28.35 -6.15 19.06
C GLY D 115 -29.19 -6.91 20.07
N SER D 116 -30.07 -6.19 20.76
CA SER D 116 -30.93 -6.83 21.76
C SER D 116 -31.99 -5.85 22.19
N SER D 117 -33.03 -6.33 22.87
CA SER D 117 -34.12 -5.48 23.30
C SER D 117 -33.88 -4.93 24.68
N THR D 118 -32.90 -5.48 25.41
CA THR D 118 -32.45 -4.94 26.70
C THR D 118 -30.93 -4.94 26.75
N ASN D 119 -30.32 -4.24 27.70
CA ASN D 119 -28.86 -4.22 27.84
C ASN D 119 -28.35 -5.46 28.51
N ASN D 120 -28.44 -6.60 27.81
CA ASN D 120 -28.03 -7.87 28.38
C ASN D 120 -26.71 -8.40 27.83
N GLY D 121 -25.89 -7.52 27.22
CA GLY D 121 -24.51 -7.89 26.95
C GLY D 121 -23.76 -8.21 28.23
N LYS D 122 -22.79 -9.13 28.16
CA LYS D 122 -22.00 -9.51 29.35
C LYS D 122 -20.51 -9.31 29.05
N ASP D 123 -19.65 -9.52 30.05
CA ASP D 123 -18.20 -9.49 29.84
C ASP D 123 -17.78 -10.87 29.37
N GLY D 124 -16.59 -10.99 28.80
CA GLY D 124 -16.10 -12.30 28.32
C GLY D 124 -15.79 -12.28 26.84
N VAL D 125 -15.82 -13.46 26.24
CA VAL D 125 -15.52 -13.59 24.82
C VAL D 125 -16.75 -13.18 24.04
N LEU D 126 -16.60 -12.13 23.22
CA LEU D 126 -17.69 -11.67 22.36
C LEU D 126 -17.70 -12.51 21.09
N TRP D 127 -16.54 -12.64 20.45
CA TRP D 127 -16.38 -13.41 19.21
C TRP D 127 -15.08 -14.20 19.21
N SER D 128 -15.14 -15.42 18.68
CA SER D 128 -13.92 -16.17 18.38
C SER D 128 -13.84 -16.54 16.89
N PHE D 129 -12.62 -16.59 16.36
CA PHE D 129 -12.41 -16.73 14.92
C PHE D 129 -10.99 -17.31 14.75
N VAL D 130 -10.69 -17.78 13.54
CA VAL D 130 -9.42 -18.48 13.31
C VAL D 130 -8.67 -17.82 12.18
N LEU D 131 -7.43 -17.45 12.44
CA LEU D 131 -6.51 -16.90 11.45
C LEU D 131 -5.35 -17.85 11.27
N GLN D 132 -4.99 -18.07 10.02
CA GLN D 132 -3.86 -18.96 9.70
C GLN D 132 -2.60 -18.17 9.37
N VAL D 133 -1.52 -18.49 10.08
CA VAL D 133 -0.19 -17.88 9.89
C VAL D 133 0.37 -18.35 8.53
N PRO D 134 1.02 -17.45 7.78
CA PRO D 134 1.57 -17.89 6.47
C PRO D 134 2.69 -18.94 6.56
N ALA D 135 2.95 -19.63 5.45
CA ALA D 135 4.02 -20.63 5.36
C ALA D 135 5.43 -20.04 5.63
N ASP D 136 5.70 -18.86 5.07
CA ASP D 136 7.01 -18.22 5.19
C ASP D 136 7.35 -17.60 6.55
N ALA D 137 6.49 -17.86 7.55
CA ALA D 137 6.66 -17.27 8.89
C ALA D 137 8.04 -17.55 9.51
N GLN D 138 8.75 -16.48 9.84
CA GLN D 138 10.08 -16.56 10.48
C GLN D 138 9.98 -16.08 11.92
N PRO D 139 10.93 -16.50 12.78
CA PRO D 139 11.00 -15.89 14.11
C PRO D 139 11.08 -14.37 14.01
N GLY D 140 10.48 -13.68 14.97
CA GLY D 140 10.41 -12.21 14.98
C GLY D 140 9.18 -11.60 14.31
N ASP D 141 8.62 -12.33 13.33
CA ASP D 141 7.42 -11.93 12.60
C ASP D 141 6.26 -11.69 13.56
N LYS D 142 5.59 -10.57 13.35
CA LYS D 142 4.45 -10.14 14.15
C LYS D 142 3.35 -9.70 13.18
N TYR D 143 2.18 -10.33 13.31
CA TYR D 143 1.04 -10.07 12.44
C TYR D 143 -0.03 -9.45 13.32
N ASP D 144 -0.32 -8.17 13.12
CA ASP D 144 -1.30 -7.46 13.96
C ASP D 144 -2.75 -7.83 13.64
N VAL D 145 -3.58 -7.82 14.69
CA VAL D 145 -5.02 -8.10 14.59
C VAL D 145 -5.72 -7.05 15.45
N GLN D 146 -6.60 -6.27 14.80
CA GLN D 146 -7.01 -5.01 15.38
C GLN D 146 -8.48 -4.73 15.20
N VAL D 147 -9.05 -4.02 16.18
CA VAL D 147 -10.33 -3.35 15.99
C VAL D 147 -10.06 -2.05 15.20
N ALA D 148 -10.87 -1.80 14.17
CA ALA D 148 -10.75 -0.58 13.35
C ALA D 148 -12.06 0.20 13.35
N TYR D 149 -11.95 1.52 13.37
CA TYR D 149 -13.09 2.41 13.32
C TYR D 149 -13.11 3.26 12.03
N GLN D 150 -14.28 3.39 11.40
CA GLN D 150 -14.52 4.40 10.36
C GLN D 150 -15.93 4.98 10.54
N SER D 151 -16.12 6.26 10.22
CA SER D 151 -17.45 6.83 10.19
C SER D 151 -18.13 6.28 8.94
N ARG D 152 -19.31 5.69 9.12
CA ARG D 152 -19.99 4.96 8.05
C ARG D 152 -21.50 5.21 8.08
N THR D 153 -22.16 5.03 6.94
CA THR D 153 -23.62 5.13 6.88
C THR D 153 -24.31 3.77 7.01
N THR D 154 -23.64 2.69 6.62
CA THR D 154 -24.19 1.35 6.87
C THR D 154 -23.12 0.51 7.57
N ASN D 155 -23.54 -0.53 8.28
CA ASN D 155 -22.60 -1.32 9.08
C ASN D 155 -21.74 -0.41 9.96
N GLU D 156 -22.40 0.51 10.65
CA GLU D 156 -21.75 1.44 11.56
C GLU D 156 -20.99 0.71 12.63
N ASP D 157 -19.86 1.33 13.00
CA ASP D 157 -19.08 0.93 14.14
C ASP D 157 -19.75 1.52 15.39
N LEU D 158 -20.09 0.64 16.32
CA LEU D 158 -20.89 1.01 17.48
C LEU D 158 -20.51 0.14 18.67
N PHE D 159 -20.60 0.74 19.85
CA PHE D 159 -20.57 -0.04 21.08
C PHE D 159 -21.41 0.73 22.07
N THR D 160 -22.70 0.36 22.22
CA THR D 160 -23.66 1.26 22.85
C THR D 160 -24.84 0.46 23.41
N ASN D 161 -25.80 1.17 24.00
CA ASN D 161 -26.94 0.55 24.68
C ASN D 161 -28.25 0.58 23.84
N VAL D 162 -29.33 -0.03 24.33
CA VAL D 162 -30.54 -0.11 23.52
CA VAL D 162 -30.58 -0.13 23.56
C VAL D 162 -31.11 1.28 23.25
N LYS D 163 -31.16 2.14 24.28
CA LYS D 163 -31.72 3.49 24.07
C LYS D 163 -30.84 4.46 23.28
N LYS D 164 -29.54 4.14 23.18
CA LYS D 164 -28.55 5.03 22.58
C LYS D 164 -28.65 6.42 23.25
N ASP D 165 -28.64 6.44 24.57
CA ASP D 165 -28.78 7.69 25.29
C ASP D 165 -27.38 8.24 25.61
N GLU D 166 -27.28 9.26 26.46
CA GLU D 166 -25.96 9.88 26.71
C GLU D 166 -24.97 8.86 27.32
N GLU D 167 -25.45 8.01 28.21
CA GLU D 167 -24.60 6.96 28.78
C GLU D 167 -24.06 6.06 27.66
N GLY D 168 -24.91 5.73 26.67
CA GLY D 168 -24.51 4.88 25.56
C GLY D 168 -23.46 5.58 24.70
N LEU D 169 -23.69 6.86 24.44
CA LEU D 169 -22.83 7.66 23.57
C LEU D 169 -21.44 7.82 24.20
N LEU D 170 -21.43 8.07 25.50
CA LEU D 170 -20.18 8.15 26.27
C LEU D 170 -19.39 6.85 26.33
N GLN D 172 -19.56 4.48 24.13
CA GLN D 172 -19.04 4.28 22.78
C GLN D 172 -17.77 5.12 22.54
N ALA D 173 -17.78 6.39 22.95
CA ALA D 173 -16.62 7.25 22.78
C ALA D 173 -15.44 6.71 23.57
N TRP D 174 -15.70 6.27 24.81
CA TRP D 174 -14.62 5.67 25.62
C TRP D 174 -14.03 4.49 24.89
N THR D 175 -14.91 3.58 24.47
CA THR D 175 -14.47 2.38 23.77
C THR D 175 -13.52 2.63 22.63
N PHE D 176 -13.94 3.48 21.67
CA PHE D 176 -13.14 3.63 20.45
C PHE D 176 -11.91 4.58 20.58
N THR D 177 -11.94 5.46 21.56
CA THR D 177 -10.82 6.42 21.74
C THR D 177 -9.80 5.93 22.76
N GLN D 178 -10.25 5.15 23.75
CA GLN D 178 -9.40 4.78 24.89
C GLN D 178 -9.47 3.31 25.30
N GLY D 179 -10.39 2.53 24.73
CA GLY D 179 -10.69 1.21 25.31
C GLY D 179 -10.27 0.03 24.47
N ILE D 180 -9.42 0.24 23.46
CA ILE D 180 -9.02 -0.85 22.61
CA ILE D 180 -9.02 -0.84 22.59
C ILE D 180 -7.61 -1.37 22.98
N GLU D 181 -7.53 -2.66 23.30
CA GLU D 181 -6.26 -3.38 23.42
C GLU D 181 -6.08 -4.26 22.16
N GLN D 182 -5.25 -3.80 21.22
CA GLN D 182 -5.06 -4.49 19.96
C GLN D 182 -4.27 -5.80 20.17
N GLY D 183 -4.41 -6.75 19.24
CA GLY D 183 -3.79 -8.06 19.43
C GLY D 183 -2.88 -8.42 18.28
N TYR D 184 -2.39 -9.66 18.28
CA TYR D 184 -1.43 -10.09 17.27
C TYR D 184 -1.17 -11.59 17.35
N ILE D 185 -0.55 -12.10 16.28
CA ILE D 185 0.09 -13.40 16.31
C ILE D 185 1.56 -13.10 15.98
N GLN D 186 2.44 -13.43 16.90
CA GLN D 186 3.87 -13.24 16.68
C GLN D 186 4.67 -14.54 16.84
N VAL D 187 5.81 -14.60 16.16
CA VAL D 187 6.72 -15.73 16.27
C VAL D 187 7.88 -15.34 17.22
N GLU D 188 8.15 -16.22 18.18
CA GLU D 188 9.28 -16.05 19.10
C GLU D 188 10.58 -15.85 18.34
N SER D 189 11.39 -14.92 18.84
CA SER D 189 12.77 -14.73 18.37
C SER D 189 13.71 -15.52 19.28
N THR D 190 14.74 -16.12 18.68
CA THR D 190 15.66 -17.00 19.41
C THR D 190 17.06 -16.40 19.61
#